data_2LIB
# 
_entry.id   2LIB 
# 
_audit_conform.dict_name       mmcif_pdbx.dic 
_audit_conform.dict_version    5.391 
_audit_conform.dict_location   http://mmcif.pdb.org/dictionaries/ascii/mmcif_pdbx.dic 
# 
loop_
_database_2.database_id 
_database_2.database_code 
_database_2.pdbx_database_accession 
_database_2.pdbx_DOI 
PDB   2LIB         pdb_00002lib 10.2210/pdb2lib/pdb 
RCSB  RCSB102419   ?            ?                   
BMRB  17887        ?            10.13018/BMR17887   
WWPDB D_1000102419 ?            ?                   
# 
loop_
_pdbx_audit_revision_history.ordinal 
_pdbx_audit_revision_history.data_content_type 
_pdbx_audit_revision_history.major_revision 
_pdbx_audit_revision_history.minor_revision 
_pdbx_audit_revision_history.revision_date 
1 'Structure model' 1 0 2012-08-08 
2 'Structure model' 1 1 2024-05-01 
# 
_pdbx_audit_revision_details.ordinal             1 
_pdbx_audit_revision_details.revision_ordinal    1 
_pdbx_audit_revision_details.data_content_type   'Structure model' 
_pdbx_audit_revision_details.provider            repository 
_pdbx_audit_revision_details.type                'Initial release' 
_pdbx_audit_revision_details.description         ? 
_pdbx_audit_revision_details.details             ? 
# 
loop_
_pdbx_audit_revision_group.ordinal 
_pdbx_audit_revision_group.revision_ordinal 
_pdbx_audit_revision_group.data_content_type 
_pdbx_audit_revision_group.group 
1 2 'Structure model' 'Data collection'     
2 2 'Structure model' 'Database references' 
# 
loop_
_pdbx_audit_revision_category.ordinal 
_pdbx_audit_revision_category.revision_ordinal 
_pdbx_audit_revision_category.data_content_type 
_pdbx_audit_revision_category.category 
1 2 'Structure model' chem_comp_atom        
2 2 'Structure model' chem_comp_bond        
3 2 'Structure model' database_2            
4 2 'Structure model' pdbx_nmr_software     
5 2 'Structure model' pdbx_nmr_spectrometer 
# 
loop_
_pdbx_audit_revision_item.ordinal 
_pdbx_audit_revision_item.revision_ordinal 
_pdbx_audit_revision_item.data_content_type 
_pdbx_audit_revision_item.item 
1 2 'Structure model' '_database_2.pdbx_DOI'                
2 2 'Structure model' '_database_2.pdbx_database_accession' 
3 2 'Structure model' '_pdbx_nmr_software.name'             
4 2 'Structure model' '_pdbx_nmr_spectrometer.model'        
# 
_pdbx_database_status.deposit_site                    BMRB 
_pdbx_database_status.entry_id                        2LIB 
_pdbx_database_status.process_site                    RCSB 
_pdbx_database_status.recvd_initial_deposition_date   2011-08-27 
_pdbx_database_status.SG_entry                        ? 
_pdbx_database_status.status_code                     REL 
_pdbx_database_status.status_code_mr                  REL 
_pdbx_database_status.status_code_sf                  ? 
_pdbx_database_status.status_code_cs                  REL 
_pdbx_database_status.methods_development_category    ? 
_pdbx_database_status.pdb_format_compatible           Y 
_pdbx_database_status.status_code_nmr_data            ? 
# 
_pdbx_database_related.db_id          17887 
_pdbx_database_related.db_name        BMRB 
_pdbx_database_related.content_type   unspecified 
_pdbx_database_related.details        . 
# 
loop_
_audit_author.name 
_audit_author.pdbx_ordinal 
'Johnson, C.N.'    1 
'Spring, A.M.'     2 
'Cunningham, R.P.' 3 
'Germann, M.W.'    4 
# 
_citation.id                        primary 
_citation.title                     'DNA sequence context conceals alpha-anomeric lesions.' 
_citation.journal_abbrev            J.Mol.Biol. 
_citation.journal_volume            416 
_citation.page_first                425 
_citation.page_last                 437 
_citation.year                      2012 
_citation.journal_id_ASTM           JMOBAK 
_citation.country                   UK 
_citation.journal_id_ISSN           0022-2836 
_citation.journal_id_CSD            0070 
_citation.book_publisher            ? 
_citation.pdbx_database_id_PubMed   22227386 
_citation.pdbx_database_id_DOI      10.1016/j.jmb.2011.12.051 
# 
loop_
_citation_author.citation_id 
_citation_author.name 
_citation_author.ordinal 
_citation_author.identifier_ORCID 
primary 'Johnson, C.N.'    1 ? 
primary 'Spring, A.M.'     2 ? 
primary 'Desai, S.'        3 ? 
primary 'Cunningham, R.P.' 4 ? 
primary 'Germann, M.W.'    5 ? 
# 
loop_
_entity.id 
_entity.type 
_entity.src_method 
_entity.pdbx_description 
_entity.formula_weight 
_entity.pdbx_number_of_molecules 
_entity.pdbx_ec 
_entity.pdbx_mutation 
_entity.pdbx_fragment 
_entity.details 
1 polymer syn 
;DNA (5'-D(*GP*TP*CP*CP*(A3A)P*GP*GP*AP*CP*G)-3')
;
3070.018 1 ? ? ? ? 
2 polymer syn 
;DNA (5'-D(*CP*GP*TP*CP*CP*TP*GP*GP*AP*C)-3')
;
3020.979 1 ? ? ? ? 
# 
loop_
_entity_poly.entity_id 
_entity_poly.type 
_entity_poly.nstd_linkage 
_entity_poly.nstd_monomer 
_entity_poly.pdbx_seq_one_letter_code 
_entity_poly.pdbx_seq_one_letter_code_can 
_entity_poly.pdbx_strand_id 
_entity_poly.pdbx_target_identifier 
1 polydeoxyribonucleotide no yes '(DG)(DT)(DC)(DC)(A3A)(DG)(DG)(DA)(DC)(DG)' GTCCAGGACG A ? 
2 polydeoxyribonucleotide no no  '(DC)(DG)(DT)(DC)(DC)(DT)(DG)(DG)(DA)(DC)'  CGTCCTGGAC B ? 
# 
loop_
_entity_poly_seq.entity_id 
_entity_poly_seq.num 
_entity_poly_seq.mon_id 
_entity_poly_seq.hetero 
1 1  DG  n 
1 2  DT  n 
1 3  DC  n 
1 4  DC  n 
1 5  A3A n 
1 6  DG  n 
1 7  DG  n 
1 8  DA  n 
1 9  DC  n 
1 10 DG  n 
2 1  DC  n 
2 2  DG  n 
2 3  DT  n 
2 4  DC  n 
2 5  DC  n 
2 6  DT  n 
2 7  DG  n 
2 8  DG  n 
2 9  DA  n 
2 10 DC  n 
# 
loop_
_chem_comp.id 
_chem_comp.type 
_chem_comp.mon_nstd_flag 
_chem_comp.name 
_chem_comp.pdbx_synonyms 
_chem_comp.formula 
_chem_comp.formula_weight 
A3A 'DNA linking' n "2'DEOXY-ALPHA-ANOMERIC-ADENOSINE-5'-PHOSPHATE" ? 'C10 H14 N5 O6 P' 331.222 
DA  'DNA linking' y "2'-DEOXYADENOSINE-5'-MONOPHOSPHATE"            ? 'C10 H14 N5 O6 P' 331.222 
DC  'DNA linking' y "2'-DEOXYCYTIDINE-5'-MONOPHOSPHATE"             ? 'C9 H14 N3 O7 P'  307.197 
DG  'DNA linking' y "2'-DEOXYGUANOSINE-5'-MONOPHOSPHATE"            ? 'C10 H14 N5 O7 P' 347.221 
DT  'DNA linking' y "THYMIDINE-5'-MONOPHOSPHATE"                    ? 'C10 H15 N2 O8 P' 322.208 
# 
loop_
_pdbx_poly_seq_scheme.asym_id 
_pdbx_poly_seq_scheme.entity_id 
_pdbx_poly_seq_scheme.seq_id 
_pdbx_poly_seq_scheme.mon_id 
_pdbx_poly_seq_scheme.ndb_seq_num 
_pdbx_poly_seq_scheme.pdb_seq_num 
_pdbx_poly_seq_scheme.auth_seq_num 
_pdbx_poly_seq_scheme.pdb_mon_id 
_pdbx_poly_seq_scheme.auth_mon_id 
_pdbx_poly_seq_scheme.pdb_strand_id 
_pdbx_poly_seq_scheme.pdb_ins_code 
_pdbx_poly_seq_scheme.hetero 
A 1 1  DG  1  1  1  DG  G   A . n 
A 1 2  DT  2  2  2  DT  T   A . n 
A 1 3  DC  3  3  3  DC  C   A . n 
A 1 4  DC  4  4  4  DC  C   A . n 
A 1 5  A3A 5  5  5  A3A ADA A . n 
A 1 6  DG  6  6  6  DG  G   A . n 
A 1 7  DG  7  7  7  DG  G   A . n 
A 1 8  DA  8  8  8  DA  A   A . n 
A 1 9  DC  9  9  9  DC  C   A . n 
A 1 10 DG  10 10 10 DG  G   A . n 
B 2 1  DC  1  11 11 DC  C   B . n 
B 2 2  DG  2  12 12 DG  G   B . n 
B 2 3  DT  3  13 13 DT  T   B . n 
B 2 4  DC  4  14 14 DC  C   B . n 
B 2 5  DC  5  15 15 DC  C   B . n 
B 2 6  DT  6  16 16 DT  T   B . n 
B 2 7  DG  7  17 17 DG  G   B . n 
B 2 8  DG  8  18 18 DG  G   B . n 
B 2 9  DA  9  19 19 DA  A   B . n 
B 2 10 DC  10 20 20 DC  C   B . n 
# 
_pdbx_unobs_or_zero_occ_atoms.id               1 
_pdbx_unobs_or_zero_occ_atoms.PDB_model_num    1 
_pdbx_unobs_or_zero_occ_atoms.polymer_flag     Y 
_pdbx_unobs_or_zero_occ_atoms.occupancy_flag   1 
_pdbx_unobs_or_zero_occ_atoms.auth_asym_id     A 
_pdbx_unobs_or_zero_occ_atoms.auth_comp_id     A3A 
_pdbx_unobs_or_zero_occ_atoms.auth_seq_id      5 
_pdbx_unobs_or_zero_occ_atoms.PDB_ins_code     ? 
_pdbx_unobs_or_zero_occ_atoms.auth_atom_id     O1 
_pdbx_unobs_or_zero_occ_atoms.label_alt_id     ? 
_pdbx_unobs_or_zero_occ_atoms.label_asym_id    A 
_pdbx_unobs_or_zero_occ_atoms.label_comp_id    A3A 
_pdbx_unobs_or_zero_occ_atoms.label_seq_id     5 
_pdbx_unobs_or_zero_occ_atoms.label_atom_id    O1 
# 
_exptl.absorpt_coefficient_mu     ? 
_exptl.absorpt_correction_T_max   ? 
_exptl.absorpt_correction_T_min   ? 
_exptl.absorpt_correction_type    ? 
_exptl.absorpt_process_details    ? 
_exptl.crystals_number            ? 
_exptl.details                    ? 
_exptl.entry_id                   2LIB 
_exptl.method                     'SOLUTION NMR' 
_exptl.method_details             ? 
# 
_struct.entry_id                  2LIB 
_struct.title                     'DNA sequence context conceals alpha anomeric lesion' 
_struct.pdbx_model_details        'lowest AMBER violations, model 1' 
_struct.pdbx_CASP_flag            ? 
_struct.pdbx_model_type_details   ? 
# 
_struct_keywords.entry_id        2LIB 
_struct_keywords.pdbx_keywords   DNA 
_struct_keywords.text            
;Alpha anomeric adenosine, DNA damage, Flanking sequence effects, Structural perturbation, Structural distortion, Minor groove distortion, Endonuclease IV, Enzyme recognition, Helical axis kink, Enzyme modulation, DNA repair, DNA perturbation, DNA
;
# 
loop_
_struct_asym.id 
_struct_asym.pdbx_blank_PDB_chainid_flag 
_struct_asym.pdbx_modified 
_struct_asym.entity_id 
_struct_asym.details 
A N N 1 ? 
B N N 2 ? 
# 
loop_
_struct_ref.id 
_struct_ref.db_name 
_struct_ref.db_code 
_struct_ref.pdbx_db_accession 
_struct_ref.entity_id 
_struct_ref.pdbx_align_begin 
_struct_ref.pdbx_seq_one_letter_code 
_struct_ref.pdbx_db_isoform 
1 PDB 2LIB 2LIB 1 ? ? ? 
2 PDB 2LIB 2LIB 2 ? ? ? 
# 
loop_
_struct_ref_seq.align_id 
_struct_ref_seq.ref_id 
_struct_ref_seq.pdbx_PDB_id_code 
_struct_ref_seq.pdbx_strand_id 
_struct_ref_seq.seq_align_beg 
_struct_ref_seq.pdbx_seq_align_beg_ins_code 
_struct_ref_seq.seq_align_end 
_struct_ref_seq.pdbx_seq_align_end_ins_code 
_struct_ref_seq.pdbx_db_accession 
_struct_ref_seq.db_align_beg 
_struct_ref_seq.pdbx_db_align_beg_ins_code 
_struct_ref_seq.db_align_end 
_struct_ref_seq.pdbx_db_align_end_ins_code 
_struct_ref_seq.pdbx_auth_seq_align_beg 
_struct_ref_seq.pdbx_auth_seq_align_end 
1 1 2LIB A 1 ? 10 ? 2LIB 1  ? 10 ? 1  10 
2 2 2LIB B 1 ? 10 ? 2LIB 11 ? 20 ? 11 20 
# 
_pdbx_struct_assembly.id                   1 
_pdbx_struct_assembly.details              author_defined_assembly 
_pdbx_struct_assembly.method_details       ? 
_pdbx_struct_assembly.oligomeric_details   dimeric 
_pdbx_struct_assembly.oligomeric_count     2 
# 
_pdbx_struct_assembly_gen.assembly_id       1 
_pdbx_struct_assembly_gen.oper_expression   1 
_pdbx_struct_assembly_gen.asym_id_list      A,B 
# 
_pdbx_struct_oper_list.id                   1 
_pdbx_struct_oper_list.type                 'identity operation' 
_pdbx_struct_oper_list.name                 1_555 
_pdbx_struct_oper_list.symmetry_operation   x,y,z 
_pdbx_struct_oper_list.matrix[1][1]         1.0000000000 
_pdbx_struct_oper_list.matrix[1][2]         0.0000000000 
_pdbx_struct_oper_list.matrix[1][3]         0.0000000000 
_pdbx_struct_oper_list.vector[1]            0.0000000000 
_pdbx_struct_oper_list.matrix[2][1]         0.0000000000 
_pdbx_struct_oper_list.matrix[2][2]         1.0000000000 
_pdbx_struct_oper_list.matrix[2][3]         0.0000000000 
_pdbx_struct_oper_list.vector[2]            0.0000000000 
_pdbx_struct_oper_list.matrix[3][1]         0.0000000000 
_pdbx_struct_oper_list.matrix[3][2]         0.0000000000 
_pdbx_struct_oper_list.matrix[3][3]         1.0000000000 
_pdbx_struct_oper_list.vector[3]            0.0000000000 
# 
_struct_biol.id        1 
_struct_biol.details   ? 
# 
loop_
_struct_conn.id 
_struct_conn.conn_type_id 
_struct_conn.pdbx_leaving_atom_flag 
_struct_conn.pdbx_PDB_id 
_struct_conn.ptnr1_label_asym_id 
_struct_conn.ptnr1_label_comp_id 
_struct_conn.ptnr1_label_seq_id 
_struct_conn.ptnr1_label_atom_id 
_struct_conn.pdbx_ptnr1_label_alt_id 
_struct_conn.pdbx_ptnr1_PDB_ins_code 
_struct_conn.pdbx_ptnr1_standard_comp_id 
_struct_conn.ptnr1_symmetry 
_struct_conn.ptnr2_label_asym_id 
_struct_conn.ptnr2_label_comp_id 
_struct_conn.ptnr2_label_seq_id 
_struct_conn.ptnr2_label_atom_id 
_struct_conn.pdbx_ptnr2_label_alt_id 
_struct_conn.pdbx_ptnr2_PDB_ins_code 
_struct_conn.ptnr1_auth_asym_id 
_struct_conn.ptnr1_auth_comp_id 
_struct_conn.ptnr1_auth_seq_id 
_struct_conn.ptnr2_auth_asym_id 
_struct_conn.ptnr2_auth_comp_id 
_struct_conn.ptnr2_auth_seq_id 
_struct_conn.ptnr2_symmetry 
_struct_conn.pdbx_ptnr3_label_atom_id 
_struct_conn.pdbx_ptnr3_label_seq_id 
_struct_conn.pdbx_ptnr3_label_comp_id 
_struct_conn.pdbx_ptnr3_label_asym_id 
_struct_conn.pdbx_ptnr3_label_alt_id 
_struct_conn.pdbx_ptnr3_PDB_ins_code 
_struct_conn.details 
_struct_conn.pdbx_dist_value 
_struct_conn.pdbx_value_order 
_struct_conn.pdbx_role 
hydrog1  hydrog ? ? A DG 1  N1 ? ? ? 1_555 B DC 10 N3 ? ? A DG 1  B DC 20 1_555 ? ? ? ? ? ? WATSON-CRICK ? ? ? 
hydrog2  hydrog ? ? A DG 1  N2 ? ? ? 1_555 B DC 10 O2 ? ? A DG 1  B DC 20 1_555 ? ? ? ? ? ? WATSON-CRICK ? ? ? 
hydrog3  hydrog ? ? A DG 1  O6 ? ? ? 1_555 B DC 10 N4 ? ? A DG 1  B DC 20 1_555 ? ? ? ? ? ? WATSON-CRICK ? ? ? 
hydrog4  hydrog ? ? A DT 2  N3 ? ? ? 1_555 B DA 9  N1 ? ? A DT 2  B DA 19 1_555 ? ? ? ? ? ? WATSON-CRICK ? ? ? 
hydrog5  hydrog ? ? A DT 2  O4 ? ? ? 1_555 B DA 9  N6 ? ? A DT 2  B DA 19 1_555 ? ? ? ? ? ? WATSON-CRICK ? ? ? 
hydrog6  hydrog ? ? A DC 3  N3 ? ? ? 1_555 B DG 8  N1 ? ? A DC 3  B DG 18 1_555 ? ? ? ? ? ? WATSON-CRICK ? ? ? 
hydrog7  hydrog ? ? A DC 3  N4 ? ? ? 1_555 B DG 8  O6 ? ? A DC 3  B DG 18 1_555 ? ? ? ? ? ? WATSON-CRICK ? ? ? 
hydrog8  hydrog ? ? A DC 3  O2 ? ? ? 1_555 B DG 8  N2 ? ? A DC 3  B DG 18 1_555 ? ? ? ? ? ? WATSON-CRICK ? ? ? 
hydrog9  hydrog ? ? A DC 4  N3 ? ? ? 1_555 B DG 7  N1 ? ? A DC 4  B DG 17 1_555 ? ? ? ? ? ? WATSON-CRICK ? ? ? 
hydrog10 hydrog ? ? A DC 4  N4 ? ? ? 1_555 B DG 7  O6 ? ? A DC 4  B DG 17 1_555 ? ? ? ? ? ? WATSON-CRICK ? ? ? 
hydrog11 hydrog ? ? A DC 4  O2 ? ? ? 1_555 B DG 7  N2 ? ? A DC 4  B DG 17 1_555 ? ? ? ? ? ? WATSON-CRICK ? ? ? 
hydrog12 hydrog ? ? A DG 6  N1 ? ? ? 1_555 B DC 5  N3 ? ? A DG 6  B DC 15 1_555 ? ? ? ? ? ? WATSON-CRICK ? ? ? 
hydrog13 hydrog ? ? A DG 6  N2 ? ? ? 1_555 B DC 5  O2 ? ? A DG 6  B DC 15 1_555 ? ? ? ? ? ? WATSON-CRICK ? ? ? 
hydrog14 hydrog ? ? A DG 6  O6 ? ? ? 1_555 B DC 5  N4 ? ? A DG 6  B DC 15 1_555 ? ? ? ? ? ? WATSON-CRICK ? ? ? 
hydrog15 hydrog ? ? A DG 7  N1 ? ? ? 1_555 B DC 4  N3 ? ? A DG 7  B DC 14 1_555 ? ? ? ? ? ? WATSON-CRICK ? ? ? 
hydrog16 hydrog ? ? A DG 7  N2 ? ? ? 1_555 B DC 4  O2 ? ? A DG 7  B DC 14 1_555 ? ? ? ? ? ? WATSON-CRICK ? ? ? 
hydrog17 hydrog ? ? A DG 7  O6 ? ? ? 1_555 B DC 4  N4 ? ? A DG 7  B DC 14 1_555 ? ? ? ? ? ? WATSON-CRICK ? ? ? 
hydrog18 hydrog ? ? A DA 8  N1 ? ? ? 1_555 B DT 3  N3 ? ? A DA 8  B DT 13 1_555 ? ? ? ? ? ? WATSON-CRICK ? ? ? 
hydrog19 hydrog ? ? A DA 8  N6 ? ? ? 1_555 B DT 3  O4 ? ? A DA 8  B DT 13 1_555 ? ? ? ? ? ? WATSON-CRICK ? ? ? 
hydrog20 hydrog ? ? A DC 9  N3 ? ? ? 1_555 B DG 2  N1 ? ? A DC 9  B DG 12 1_555 ? ? ? ? ? ? WATSON-CRICK ? ? ? 
hydrog21 hydrog ? ? A DC 9  N4 ? ? ? 1_555 B DG 2  O6 ? ? A DC 9  B DG 12 1_555 ? ? ? ? ? ? WATSON-CRICK ? ? ? 
hydrog22 hydrog ? ? A DC 9  O2 ? ? ? 1_555 B DG 2  N2 ? ? A DC 9  B DG 12 1_555 ? ? ? ? ? ? WATSON-CRICK ? ? ? 
hydrog23 hydrog ? ? A DG 10 N1 ? ? ? 1_555 B DC 1  N3 ? ? A DG 10 B DC 11 1_555 ? ? ? ? ? ? WATSON-CRICK ? ? ? 
hydrog24 hydrog ? ? A DG 10 N2 ? ? ? 1_555 B DC 1  O2 ? ? A DG 10 B DC 11 1_555 ? ? ? ? ? ? WATSON-CRICK ? ? ? 
hydrog25 hydrog ? ? A DG 10 O6 ? ? ? 1_555 B DC 1  N4 ? ? A DG 10 B DC 11 1_555 ? ? ? ? ? ? WATSON-CRICK ? ? ? 
# 
_struct_conn_type.id          hydrog 
_struct_conn_type.criteria    ? 
_struct_conn_type.reference   ? 
# 
loop_
_pdbx_validate_rmsd_angle.id 
_pdbx_validate_rmsd_angle.PDB_model_num 
_pdbx_validate_rmsd_angle.auth_atom_id_1 
_pdbx_validate_rmsd_angle.auth_asym_id_1 
_pdbx_validate_rmsd_angle.auth_comp_id_1 
_pdbx_validate_rmsd_angle.auth_seq_id_1 
_pdbx_validate_rmsd_angle.PDB_ins_code_1 
_pdbx_validate_rmsd_angle.label_alt_id_1 
_pdbx_validate_rmsd_angle.auth_atom_id_2 
_pdbx_validate_rmsd_angle.auth_asym_id_2 
_pdbx_validate_rmsd_angle.auth_comp_id_2 
_pdbx_validate_rmsd_angle.auth_seq_id_2 
_pdbx_validate_rmsd_angle.PDB_ins_code_2 
_pdbx_validate_rmsd_angle.label_alt_id_2 
_pdbx_validate_rmsd_angle.auth_atom_id_3 
_pdbx_validate_rmsd_angle.auth_asym_id_3 
_pdbx_validate_rmsd_angle.auth_comp_id_3 
_pdbx_validate_rmsd_angle.auth_seq_id_3 
_pdbx_validate_rmsd_angle.PDB_ins_code_3 
_pdbx_validate_rmsd_angle.label_alt_id_3 
_pdbx_validate_rmsd_angle.angle_value 
_pdbx_validate_rmsd_angle.angle_target_value 
_pdbx_validate_rmsd_angle.angle_deviation 
_pdbx_validate_rmsd_angle.angle_standard_deviation 
_pdbx_validate_rmsd_angle.linker_flag 
1  1 "O4'" A DG 1  ? ? "C1'" A DG  1  ? ? N9    A DG  1  ? ? 110.46 108.30 2.16   0.30 N 
2  1 N3    A DC 3  ? ? C2    A DC  3  ? ? O2    A DC  3  ? ? 117.14 121.90 -4.76  0.70 N 
3  1 N3    A DC 4  ? ? C2    A DC  4  ? ? O2    A DC  4  ? ? 117.43 121.90 -4.47  0.70 N 
4  1 "O3'" A DC 4  ? ? P     A A3A 5  ? ? "O5'" A A3A 5  ? ? 77.39  104.00 -26.61 1.90 Y 
5  1 "O4'" A DA 8  ? ? "C4'" A DA  8  ? ? "C3'" A DA  8  ? ? 111.12 106.00 5.12   0.60 N 
6  1 C4    A DA 8  ? ? C5    A DA  8  ? ? C6    A DA  8  ? ? 113.43 117.00 -3.57  0.50 N 
7  1 C5    A DA 8  ? ? C6    A DA  8  ? ? N1    A DA  8  ? ? 121.73 117.70 4.03   0.50 N 
8  1 N1    A DA 8  ? ? C6    A DA  8  ? ? N6    A DA  8  ? ? 113.48 118.60 -5.12  0.60 N 
9  1 "O4'" A DC 9  ? ? "C4'" A DC  9  ? ? "C3'" A DC  9  ? ? 109.71 106.00 3.71   0.60 N 
10 1 N3    A DC 9  ? ? C2    A DC  9  ? ? O2    A DC  9  ? ? 117.68 121.90 -4.22  0.70 N 
11 1 "O4'" B DC 11 ? ? "C4'" B DC  11 ? ? "C3'" B DC  11 ? ? 109.93 106.00 3.93   0.60 N 
12 1 "O4'" B DC 11 ? ? "C1'" B DC  11 ? ? N1    B DC  11 ? ? 114.06 108.30 5.76   0.30 N 
13 1 N3    B DC 11 ? ? C2    B DC  11 ? ? O2    B DC  11 ? ? 117.24 121.90 -4.66  0.70 N 
14 1 "O4'" B DG 12 ? ? "C4'" B DG  12 ? ? "C3'" B DG  12 ? ? 109.93 106.00 3.93   0.60 N 
15 1 N1    B DG 12 ? ? C6    B DG  12 ? ? O6    B DG  12 ? ? 116.28 119.90 -3.62  0.60 N 
16 1 "O4'" B DT 13 ? ? "C4'" B DT  13 ? ? "C3'" B DT  13 ? ? 110.22 106.00 4.22   0.60 N 
17 1 "O4'" B DC 14 ? ? "C4'" B DC  14 ? ? "C3'" B DC  14 ? ? 109.76 106.00 3.76   0.60 N 
18 1 "O4'" B DC 14 ? ? "C1'" B DC  14 ? ? N1    B DC  14 ? ? 110.29 108.30 1.99   0.30 N 
19 1 "O4'" B DC 15 ? ? "C4'" B DC  15 ? ? "C3'" B DC  15 ? ? 110.90 106.00 4.90   0.60 N 
20 1 "O4'" B DC 15 ? ? "C1'" B DC  15 ? ? N1    B DC  15 ? ? 110.67 108.30 2.37   0.30 N 
21 1 "O4'" B DT 16 ? ? "C1'" B DT  16 ? ? "C2'" B DT  16 ? ? 98.93  105.90 -6.97  0.80 N 
22 1 C6    B DT 16 ? ? C5    B DT  16 ? ? C7    B DT  16 ? ? 119.16 122.90 -3.74  0.60 N 
23 1 "O4'" B DA 19 ? ? "C4'" B DA  19 ? ? "C3'" B DA  19 ? ? 110.17 106.00 4.17   0.60 N 
24 1 C4    B DA 19 ? ? C5    B DA  19 ? ? C6    B DA  19 ? ? 113.13 117.00 -3.87  0.50 N 
25 1 C5    B DA 19 ? ? C6    B DA  19 ? ? N1    B DA  19 ? ? 121.15 117.70 3.45   0.50 N 
26 1 N1    B DA 19 ? ? C6    B DA  19 ? ? N6    B DA  19 ? ? 113.43 118.60 -5.17  0.60 N 
27 1 "O4'" B DC 20 ? ? "C1'" B DC  20 ? ? N1    B DC  20 ? ? 111.54 108.30 3.24   0.30 N 
# 
loop_
_pdbx_validate_planes.id 
_pdbx_validate_planes.PDB_model_num 
_pdbx_validate_planes.auth_comp_id 
_pdbx_validate_planes.auth_asym_id 
_pdbx_validate_planes.auth_seq_id 
_pdbx_validate_planes.PDB_ins_code 
_pdbx_validate_planes.label_alt_id 
_pdbx_validate_planes.rmsd 
_pdbx_validate_planes.type 
1 1 DG A 10 ? ? 0.095 'SIDE CHAIN' 
2 1 DC B 11 ? ? 0.112 'SIDE CHAIN' 
3 1 DG B 18 ? ? 0.068 'SIDE CHAIN' 
4 1 DC B 20 ? ? 0.109 'SIDE CHAIN' 
# 
_pdbx_struct_mod_residue.id               1 
_pdbx_struct_mod_residue.label_asym_id    A 
_pdbx_struct_mod_residue.label_comp_id    A3A 
_pdbx_struct_mod_residue.label_seq_id     5 
_pdbx_struct_mod_residue.auth_asym_id     A 
_pdbx_struct_mod_residue.auth_comp_id     A3A 
_pdbx_struct_mod_residue.auth_seq_id      5 
_pdbx_struct_mod_residue.PDB_ins_code     ? 
_pdbx_struct_mod_residue.parent_comp_id   DA 
_pdbx_struct_mod_residue.details          ? 
# 
_pdbx_nmr_ensemble.average_constraint_violations_per_residue     ? 
_pdbx_nmr_ensemble.average_constraints_per_residue               ? 
_pdbx_nmr_ensemble.average_distance_constraint_violation         ? 
_pdbx_nmr_ensemble.average_torsion_angle_constraint_violation    ? 
_pdbx_nmr_ensemble.conformer_selection_criteria                  'lowest AMBER violations' 
_pdbx_nmr_ensemble.conformers_calculated_total_number            10 
_pdbx_nmr_ensemble.conformers_submitted_total_number             1 
_pdbx_nmr_ensemble.distance_constraint_violation_method          ? 
_pdbx_nmr_ensemble.entry_id                                      2LIB 
_pdbx_nmr_ensemble.maximum_distance_constraint_violation         ? 
_pdbx_nmr_ensemble.maximum_lower_distance_constraint_violation   ? 
_pdbx_nmr_ensemble.maximum_torsion_angle_constraint_violation    ? 
_pdbx_nmr_ensemble.maximum_upper_distance_constraint_violation   ? 
_pdbx_nmr_ensemble.torsion_angle_constraint_violation_method     ? 
# 
_pdbx_nmr_representative.conformer_id         1 
_pdbx_nmr_representative.entry_id             2LIB 
_pdbx_nmr_representative.selection_criteria   'lowest amber violations' 
# 
loop_
_pdbx_nmr_sample_details.contents 
_pdbx_nmr_sample_details.solution_id 
_pdbx_nmr_sample_details.solvent_system 
;0.75 mM DNA (5'-D(*GP*TP*CP*CP*A3A*GP*GP*AP*CP*G)-3'), 0.75 mM DNA (5'-D(*CP*GP*TP*CP*CP*TP*GP*GP*AP*C)-3'), 10 mM sodium phosphate, 50 mM sodium chloride, 10 % D2O, 0.2 uM DSS, 2 mM EDTA, 90% H2O/10% D2O
;
1 '90% H2O/10% D2O' 
;0.75 mM DNA (5'-D(*GP*TP*CP*CP*A3A*GP*GP*AP*CP*G)-3'), 0.75 mM DNA (5'-D(*CP*GP*TP*CP*CP*TP*GP*GP*AP*C)-3'), 10 mM sodium phosphate, 50 mM sodium chloride, 100 % D2O, 0.2 uM DSS, 2 mM EDTA, 100% D2O
;
2 '100% D2O'        
# 
loop_
_pdbx_nmr_exptl_sample.component 
_pdbx_nmr_exptl_sample.concentration 
_pdbx_nmr_exptl_sample.concentration_range 
_pdbx_nmr_exptl_sample.concentration_units 
_pdbx_nmr_exptl_sample.isotopic_labeling 
_pdbx_nmr_exptl_sample.solution_id 
;DNA (5'-D(*GP*TP*CP*CP*A3A*GP*GP*AP*CP*G)-3')-1
;
0.75 ? mM ? 1 
;DNA (5'-D(*CP*GP*TP*CP*CP*TP*GP*GP*AP*C)-3')-2
;
0.75 ? mM ? 1 
'sodium phosphate-3'                              10   ? mM ? 1 
'sodium chloride-4'                               50   ? mM ? 1 
D2O-5                                             10   ? %  ? 1 
DSS-6                                             0.2  ? uM ? 1 
EDTA-7                                            2    ? mM ? 1 
;DNA (5'-D(*GP*TP*CP*CP*A3A*GP*GP*AP*CP*G)-3')-8
;
0.75 ? mM ? 2 
;DNA (5'-D(*CP*GP*TP*CP*CP*TP*GP*GP*AP*C)-3')-9
;
0.75 ? mM ? 2 
'sodium phosphate-10'                             10   ? mM ? 2 
'sodium chloride-11'                              50   ? mM ? 2 
D2O-12                                            100  ? %  ? 2 
DSS-13                                            0.2  ? uM ? 2 
EDTA-14                                           2    ? mM ? 2 
# 
loop_
_pdbx_nmr_exptl_sample_conditions.conditions_id 
_pdbx_nmr_exptl_sample_conditions.ionic_strength 
_pdbx_nmr_exptl_sample_conditions.pH 
_pdbx_nmr_exptl_sample_conditions.pressure 
_pdbx_nmr_exptl_sample_conditions.pressure_units 
_pdbx_nmr_exptl_sample_conditions.temperature 
_pdbx_nmr_exptl_sample_conditions.temperature_units 
1 50 6.65 ambient ? 276 K 
2 50 ?    ambient ? 298 K 
# 
loop_
_pdbx_nmr_exptl.conditions_id 
_pdbx_nmr_exptl.experiment_id 
_pdbx_nmr_exptl.solution_id 
_pdbx_nmr_exptl.type 
1 1  1 '1-1 jump return'       
1 2  1 '1D NOE'                
1 3  1 '1-1 NOESY 2D 150 ms'   
2 4  2 'Low Flip COSY'         
2 5  2 TOCYS                   
2 6  2 '2D 1H 1H NOESY 75 ms'  
2 7  2 '2D 1H 1H NOESY 125 ms' 
2 8  2 '2D 1H-1H NOESY 250 ms' 
2 9  2 'Constant Time COSY'    
2 10 2 '2D 1H-13C HSQC'        
2 11 2 '2D 1H-31P CORR'        
2 12 2 '1D 31P'                
# 
_pdbx_nmr_constraints.disulfide_bond_constraints_total_count        ? 
_pdbx_nmr_constraints.entry_id                                      2LIB 
_pdbx_nmr_constraints.hydrogen_bond_constraints_total_count         ? 
_pdbx_nmr_constraints.NA_alpha-angle_constraints_total_count        ? 
_pdbx_nmr_constraints.NA_beta-angle_constraints_total_count         ? 
_pdbx_nmr_constraints.NA_chi-angle_constraints_total_count          ? 
_pdbx_nmr_constraints.NA_delta-angle_constraints_total_count        ? 
_pdbx_nmr_constraints.NA_epsilon-angle_constraints_total_count      ? 
_pdbx_nmr_constraints.NA_gamma-angle_constraints_total_count        ? 
_pdbx_nmr_constraints.NA_other-angle_constraints_total_count        ? 
_pdbx_nmr_constraints.NA_sugar_pucker_constraints_total_count       ? 
_pdbx_nmr_constraints.NOE_constraints_total                         246 
_pdbx_nmr_constraints.NOE_interentity_total_count                   ? 
_pdbx_nmr_constraints.NOE_interproton_distance_evaluation           ? 
_pdbx_nmr_constraints.NOE_intraresidue_total_count                  ? 
_pdbx_nmr_constraints.NOE_long_range_total_count                    ? 
_pdbx_nmr_constraints.NOE_medium_range_total_count                  ? 
_pdbx_nmr_constraints.NOE_motional_averaging_correction             ? 
_pdbx_nmr_constraints.NOE_pseudoatom_corrections                    ? 
_pdbx_nmr_constraints.NOE_sequential_total_count                    ? 
_pdbx_nmr_constraints.protein_chi_angle_constraints_total_count     ? 
_pdbx_nmr_constraints.protein_other_angle_constraints_total_count   ? 
_pdbx_nmr_constraints.protein_phi_angle_constraints_total_count     ? 
_pdbx_nmr_constraints.protein_psi_angle_constraints_total_count     ? 
# 
_pdbx_nmr_refine.entry_id           2LIB 
_pdbx_nmr_refine.method             'restrained molecular dynamics' 
_pdbx_nmr_refine.details            'CORMA AMBER MARDIGRAS cycles with restrained molecular dynamics' 
_pdbx_nmr_refine.software_ordinal   1 
# 
loop_
_pdbx_nmr_software.authors 
_pdbx_nmr_software.classification 
_pdbx_nmr_software.name 
_pdbx_nmr_software.version 
_pdbx_nmr_software.ordinal 
'Case, Darden, Cheatham, III, Simmerling, Wang, Duke, Luo, and Kollm' 'structure solution'        Amber     9.0 1 
Goddard                                                               'chemical shift assignment' Sparky    3.3 2 
'Bruker Biospin'                                                      'data analysis'             TopSpin   ?   3 
'Thomas James'                                                        'structure solution'        CORMA     ?   4 
'Thomas James'                                                        'structure solution'        MARDGIRAS ?   5 
'Richard Lavery'                                                      analysis                    Curves    5.1 6 
'Heinz Sklenar'                                                       analysis                    Curves    5.1 7 
'Case, Darden, Cheatham, III, Simmerling, Wang, Duke, Luo, and Kollm' refinement                  Amber     ?   8 
# 
loop_
_chem_comp_atom.comp_id 
_chem_comp_atom.atom_id 
_chem_comp_atom.type_symbol 
_chem_comp_atom.pdbx_aromatic_flag 
_chem_comp_atom.pdbx_stereo_config 
_chem_comp_atom.pdbx_ordinal 
A3A C8A    C Y N 1   
A3A N9A    N Y N 2   
A3A C4A    C Y N 3   
A3A C5A    C Y N 4   
A3A N7A    N Y N 5   
A3A N3A    N Y N 6   
A3A C2A    C Y N 7   
A3A N1A    N Y N 8   
A3A C6A    C Y N 9   
A3A N6A    N N N 10  
A3A P      P N N 11  
A3A OP1    O N N 12  
A3A OP2    O N N 13  
A3A "O6'"  O N N 14  
A3A "C5'"  C N N 15  
A3A "C4'"  C N R 16  
A3A "O5'"  O N N 17  
A3A "C3'"  C N S 18  
A3A "O3'"  O N N 19  
A3A "C2'"  C N N 20  
A3A "C1'"  C N S 21  
A3A O1     O N N 22  
A3A H8A    H N N 23  
A3A H2A    H N N 24  
A3A HN61   H N N 25  
A3A HN62   H N N 26  
A3A H2P    H N N 27  
A3A "H5'"  H N N 28  
A3A "H5''" H N N 29  
A3A "H4'"  H N N 30  
A3A "H3'"  H N N 31  
A3A H1     H N N 32  
A3A "H2'"  H N N 33  
A3A "H2''" H N N 34  
A3A "H1'"  H N N 35  
A3A HO1    H N N 36  
DA  OP3    O N N 37  
DA  P      P N N 38  
DA  OP1    O N N 39  
DA  OP2    O N N 40  
DA  "O5'"  O N N 41  
DA  "C5'"  C N N 42  
DA  "C4'"  C N R 43  
DA  "O4'"  O N N 44  
DA  "C3'"  C N S 45  
DA  "O3'"  O N N 46  
DA  "C2'"  C N N 47  
DA  "C1'"  C N R 48  
DA  N9     N Y N 49  
DA  C8     C Y N 50  
DA  N7     N Y N 51  
DA  C5     C Y N 52  
DA  C6     C Y N 53  
DA  N6     N N N 54  
DA  N1     N Y N 55  
DA  C2     C Y N 56  
DA  N3     N Y N 57  
DA  C4     C Y N 58  
DA  HOP3   H N N 59  
DA  HOP2   H N N 60  
DA  "H5'"  H N N 61  
DA  "H5''" H N N 62  
DA  "H4'"  H N N 63  
DA  "H3'"  H N N 64  
DA  "HO3'" H N N 65  
DA  "H2'"  H N N 66  
DA  "H2''" H N N 67  
DA  "H1'"  H N N 68  
DA  H8     H N N 69  
DA  H61    H N N 70  
DA  H62    H N N 71  
DA  H2     H N N 72  
DC  OP3    O N N 73  
DC  P      P N N 74  
DC  OP1    O N N 75  
DC  OP2    O N N 76  
DC  "O5'"  O N N 77  
DC  "C5'"  C N N 78  
DC  "C4'"  C N R 79  
DC  "O4'"  O N N 80  
DC  "C3'"  C N S 81  
DC  "O3'"  O N N 82  
DC  "C2'"  C N N 83  
DC  "C1'"  C N R 84  
DC  N1     N N N 85  
DC  C2     C N N 86  
DC  O2     O N N 87  
DC  N3     N N N 88  
DC  C4     C N N 89  
DC  N4     N N N 90  
DC  C5     C N N 91  
DC  C6     C N N 92  
DC  HOP3   H N N 93  
DC  HOP2   H N N 94  
DC  "H5'"  H N N 95  
DC  "H5''" H N N 96  
DC  "H4'"  H N N 97  
DC  "H3'"  H N N 98  
DC  "HO3'" H N N 99  
DC  "H2'"  H N N 100 
DC  "H2''" H N N 101 
DC  "H1'"  H N N 102 
DC  H41    H N N 103 
DC  H42    H N N 104 
DC  H5     H N N 105 
DC  H6     H N N 106 
DG  OP3    O N N 107 
DG  P      P N N 108 
DG  OP1    O N N 109 
DG  OP2    O N N 110 
DG  "O5'"  O N N 111 
DG  "C5'"  C N N 112 
DG  "C4'"  C N R 113 
DG  "O4'"  O N N 114 
DG  "C3'"  C N S 115 
DG  "O3'"  O N N 116 
DG  "C2'"  C N N 117 
DG  "C1'"  C N R 118 
DG  N9     N Y N 119 
DG  C8     C Y N 120 
DG  N7     N Y N 121 
DG  C5     C Y N 122 
DG  C6     C N N 123 
DG  O6     O N N 124 
DG  N1     N N N 125 
DG  C2     C N N 126 
DG  N2     N N N 127 
DG  N3     N N N 128 
DG  C4     C Y N 129 
DG  HOP3   H N N 130 
DG  HOP2   H N N 131 
DG  "H5'"  H N N 132 
DG  "H5''" H N N 133 
DG  "H4'"  H N N 134 
DG  "H3'"  H N N 135 
DG  "HO3'" H N N 136 
DG  "H2'"  H N N 137 
DG  "H2''" H N N 138 
DG  "H1'"  H N N 139 
DG  H8     H N N 140 
DG  H1     H N N 141 
DG  H21    H N N 142 
DG  H22    H N N 143 
DT  OP3    O N N 144 
DT  P      P N N 145 
DT  OP1    O N N 146 
DT  OP2    O N N 147 
DT  "O5'"  O N N 148 
DT  "C5'"  C N N 149 
DT  "C4'"  C N R 150 
DT  "O4'"  O N N 151 
DT  "C3'"  C N S 152 
DT  "O3'"  O N N 153 
DT  "C2'"  C N N 154 
DT  "C1'"  C N R 155 
DT  N1     N N N 156 
DT  C2     C N N 157 
DT  O2     O N N 158 
DT  N3     N N N 159 
DT  C4     C N N 160 
DT  O4     O N N 161 
DT  C5     C N N 162 
DT  C7     C N N 163 
DT  C6     C N N 164 
DT  HOP3   H N N 165 
DT  HOP2   H N N 166 
DT  "H5'"  H N N 167 
DT  "H5''" H N N 168 
DT  "H4'"  H N N 169 
DT  "H3'"  H N N 170 
DT  "HO3'" H N N 171 
DT  "H2'"  H N N 172 
DT  "H2''" H N N 173 
DT  "H1'"  H N N 174 
DT  H3     H N N 175 
DT  H71    H N N 176 
DT  H72    H N N 177 
DT  H73    H N N 178 
DT  H6     H N N 179 
# 
loop_
_chem_comp_bond.comp_id 
_chem_comp_bond.atom_id_1 
_chem_comp_bond.atom_id_2 
_chem_comp_bond.value_order 
_chem_comp_bond.pdbx_aromatic_flag 
_chem_comp_bond.pdbx_stereo_config 
_chem_comp_bond.pdbx_ordinal 
A3A C8A   N9A    sing Y N 1   
A3A C8A   N7A    doub Y N 2   
A3A C8A   H8A    sing N N 3   
A3A N9A   C4A    sing Y N 4   
A3A N9A   "C1'"  sing N N 5   
A3A C4A   C5A    doub Y N 6   
A3A C4A   N3A    sing Y N 7   
A3A C5A   N7A    sing Y N 8   
A3A C5A   C6A    sing Y N 9   
A3A N3A   C2A    doub Y N 10  
A3A C2A   N1A    sing Y N 11  
A3A C2A   H2A    sing N N 12  
A3A N1A   C6A    doub Y N 13  
A3A C6A   N6A    sing N N 14  
A3A N6A   HN61   sing N N 15  
A3A N6A   HN62   sing N N 16  
A3A P     OP1    doub N N 17  
A3A P     OP2    sing N N 18  
A3A P     "O6'"  sing N N 19  
A3A P     O1     sing N N 20  
A3A OP2   H2P    sing N N 21  
A3A "O6'" "C5'"  sing N N 22  
A3A "C5'" "C4'"  sing N N 23  
A3A "C5'" "H5'"  sing N N 24  
A3A "C5'" "H5''" sing N N 25  
A3A "C4'" "O5'"  sing N N 26  
A3A "C4'" "C3'"  sing N N 27  
A3A "C4'" "H4'"  sing N N 28  
A3A "O5'" "C1'"  sing N N 29  
A3A "C3'" "O3'"  sing N N 30  
A3A "C3'" "C2'"  sing N N 31  
A3A "C3'" "H3'"  sing N N 32  
A3A "O3'" H1     sing N N 33  
A3A "C2'" "C1'"  sing N N 34  
A3A "C2'" "H2'"  sing N N 35  
A3A "C2'" "H2''" sing N N 36  
A3A "C1'" "H1'"  sing N N 37  
A3A O1    HO1    sing N N 38  
DA  OP3   P      sing N N 39  
DA  OP3   HOP3   sing N N 40  
DA  P     OP1    doub N N 41  
DA  P     OP2    sing N N 42  
DA  P     "O5'"  sing N N 43  
DA  OP2   HOP2   sing N N 44  
DA  "O5'" "C5'"  sing N N 45  
DA  "C5'" "C4'"  sing N N 46  
DA  "C5'" "H5'"  sing N N 47  
DA  "C5'" "H5''" sing N N 48  
DA  "C4'" "O4'"  sing N N 49  
DA  "C4'" "C3'"  sing N N 50  
DA  "C4'" "H4'"  sing N N 51  
DA  "O4'" "C1'"  sing N N 52  
DA  "C3'" "O3'"  sing N N 53  
DA  "C3'" "C2'"  sing N N 54  
DA  "C3'" "H3'"  sing N N 55  
DA  "O3'" "HO3'" sing N N 56  
DA  "C2'" "C1'"  sing N N 57  
DA  "C2'" "H2'"  sing N N 58  
DA  "C2'" "H2''" sing N N 59  
DA  "C1'" N9     sing N N 60  
DA  "C1'" "H1'"  sing N N 61  
DA  N9    C8     sing Y N 62  
DA  N9    C4     sing Y N 63  
DA  C8    N7     doub Y N 64  
DA  C8    H8     sing N N 65  
DA  N7    C5     sing Y N 66  
DA  C5    C6     sing Y N 67  
DA  C5    C4     doub Y N 68  
DA  C6    N6     sing N N 69  
DA  C6    N1     doub Y N 70  
DA  N6    H61    sing N N 71  
DA  N6    H62    sing N N 72  
DA  N1    C2     sing Y N 73  
DA  C2    N3     doub Y N 74  
DA  C2    H2     sing N N 75  
DA  N3    C4     sing Y N 76  
DC  OP3   P      sing N N 77  
DC  OP3   HOP3   sing N N 78  
DC  P     OP1    doub N N 79  
DC  P     OP2    sing N N 80  
DC  P     "O5'"  sing N N 81  
DC  OP2   HOP2   sing N N 82  
DC  "O5'" "C5'"  sing N N 83  
DC  "C5'" "C4'"  sing N N 84  
DC  "C5'" "H5'"  sing N N 85  
DC  "C5'" "H5''" sing N N 86  
DC  "C4'" "O4'"  sing N N 87  
DC  "C4'" "C3'"  sing N N 88  
DC  "C4'" "H4'"  sing N N 89  
DC  "O4'" "C1'"  sing N N 90  
DC  "C3'" "O3'"  sing N N 91  
DC  "C3'" "C2'"  sing N N 92  
DC  "C3'" "H3'"  sing N N 93  
DC  "O3'" "HO3'" sing N N 94  
DC  "C2'" "C1'"  sing N N 95  
DC  "C2'" "H2'"  sing N N 96  
DC  "C2'" "H2''" sing N N 97  
DC  "C1'" N1     sing N N 98  
DC  "C1'" "H1'"  sing N N 99  
DC  N1    C2     sing N N 100 
DC  N1    C6     sing N N 101 
DC  C2    O2     doub N N 102 
DC  C2    N3     sing N N 103 
DC  N3    C4     doub N N 104 
DC  C4    N4     sing N N 105 
DC  C4    C5     sing N N 106 
DC  N4    H41    sing N N 107 
DC  N4    H42    sing N N 108 
DC  C5    C6     doub N N 109 
DC  C5    H5     sing N N 110 
DC  C6    H6     sing N N 111 
DG  OP3   P      sing N N 112 
DG  OP3   HOP3   sing N N 113 
DG  P     OP1    doub N N 114 
DG  P     OP2    sing N N 115 
DG  P     "O5'"  sing N N 116 
DG  OP2   HOP2   sing N N 117 
DG  "O5'" "C5'"  sing N N 118 
DG  "C5'" "C4'"  sing N N 119 
DG  "C5'" "H5'"  sing N N 120 
DG  "C5'" "H5''" sing N N 121 
DG  "C4'" "O4'"  sing N N 122 
DG  "C4'" "C3'"  sing N N 123 
DG  "C4'" "H4'"  sing N N 124 
DG  "O4'" "C1'"  sing N N 125 
DG  "C3'" "O3'"  sing N N 126 
DG  "C3'" "C2'"  sing N N 127 
DG  "C3'" "H3'"  sing N N 128 
DG  "O3'" "HO3'" sing N N 129 
DG  "C2'" "C1'"  sing N N 130 
DG  "C2'" "H2'"  sing N N 131 
DG  "C2'" "H2''" sing N N 132 
DG  "C1'" N9     sing N N 133 
DG  "C1'" "H1'"  sing N N 134 
DG  N9    C8     sing Y N 135 
DG  N9    C4     sing Y N 136 
DG  C8    N7     doub Y N 137 
DG  C8    H8     sing N N 138 
DG  N7    C5     sing Y N 139 
DG  C5    C6     sing N N 140 
DG  C5    C4     doub Y N 141 
DG  C6    O6     doub N N 142 
DG  C6    N1     sing N N 143 
DG  N1    C2     sing N N 144 
DG  N1    H1     sing N N 145 
DG  C2    N2     sing N N 146 
DG  C2    N3     doub N N 147 
DG  N2    H21    sing N N 148 
DG  N2    H22    sing N N 149 
DG  N3    C4     sing N N 150 
DT  OP3   P      sing N N 151 
DT  OP3   HOP3   sing N N 152 
DT  P     OP1    doub N N 153 
DT  P     OP2    sing N N 154 
DT  P     "O5'"  sing N N 155 
DT  OP2   HOP2   sing N N 156 
DT  "O5'" "C5'"  sing N N 157 
DT  "C5'" "C4'"  sing N N 158 
DT  "C5'" "H5'"  sing N N 159 
DT  "C5'" "H5''" sing N N 160 
DT  "C4'" "O4'"  sing N N 161 
DT  "C4'" "C3'"  sing N N 162 
DT  "C4'" "H4'"  sing N N 163 
DT  "O4'" "C1'"  sing N N 164 
DT  "C3'" "O3'"  sing N N 165 
DT  "C3'" "C2'"  sing N N 166 
DT  "C3'" "H3'"  sing N N 167 
DT  "O3'" "HO3'" sing N N 168 
DT  "C2'" "C1'"  sing N N 169 
DT  "C2'" "H2'"  sing N N 170 
DT  "C2'" "H2''" sing N N 171 
DT  "C1'" N1     sing N N 172 
DT  "C1'" "H1'"  sing N N 173 
DT  N1    C2     sing N N 174 
DT  N1    C6     sing N N 175 
DT  C2    O2     doub N N 176 
DT  C2    N3     sing N N 177 
DT  N3    C4     sing N N 178 
DT  N3    H3     sing N N 179 
DT  C4    O4     doub N N 180 
DT  C4    C5     sing N N 181 
DT  C5    C7     sing N N 182 
DT  C5    C6     doub N N 183 
DT  C7    H71    sing N N 184 
DT  C7    H72    sing N N 185 
DT  C7    H73    sing N N 186 
DT  C6    H6     sing N N 187 
# 
loop_
_ndb_struct_conf_na.entry_id 
_ndb_struct_conf_na.feature 
2LIB 'double helix'        
2LIB 'b-form double helix' 
# 
loop_
_ndb_struct_na_base_pair.model_number 
_ndb_struct_na_base_pair.i_label_asym_id 
_ndb_struct_na_base_pair.i_label_comp_id 
_ndb_struct_na_base_pair.i_label_seq_id 
_ndb_struct_na_base_pair.i_symmetry 
_ndb_struct_na_base_pair.j_label_asym_id 
_ndb_struct_na_base_pair.j_label_comp_id 
_ndb_struct_na_base_pair.j_label_seq_id 
_ndb_struct_na_base_pair.j_symmetry 
_ndb_struct_na_base_pair.shear 
_ndb_struct_na_base_pair.stretch 
_ndb_struct_na_base_pair.stagger 
_ndb_struct_na_base_pair.buckle 
_ndb_struct_na_base_pair.propeller 
_ndb_struct_na_base_pair.opening 
_ndb_struct_na_base_pair.pair_number 
_ndb_struct_na_base_pair.pair_name 
_ndb_struct_na_base_pair.i_auth_asym_id 
_ndb_struct_na_base_pair.i_auth_seq_id 
_ndb_struct_na_base_pair.i_PDB_ins_code 
_ndb_struct_na_base_pair.j_auth_asym_id 
_ndb_struct_na_base_pair.j_auth_seq_id 
_ndb_struct_na_base_pair.j_PDB_ins_code 
_ndb_struct_na_base_pair.hbond_type_28 
_ndb_struct_na_base_pair.hbond_type_12 
1 A DG  1  1_555 B DC 10 1_555 -0.403 -0.119 0.022  -8.505 -18.702 -0.041  1  A_DG1:DC20_B  A 1  ? B 20 ? 19 1 
1 A DT  2  1_555 B DA 9  1_555 -0.025 -0.049 -0.131 -6.942 -18.443 -1.423  2  A_DT2:DA19_B  A 2  ? B 19 ? 20 1 
1 A DC  3  1_555 B DG 8  1_555 0.035  -0.041 -0.180 -0.248 -2.814  -2.929  3  A_DC3:DG18_B  A 3  ? B 18 ? 19 1 
1 A DC  4  1_555 B DG 7  1_555 0.052  -0.121 0.021  3.192  -2.242  -4.329  4  A_DC4:DG17_B  A 4  ? B 17 ? 19 1 
1 A A3A 5  1_555 B DT 6  1_555 -0.123 1.106  -0.010 10.626 8.540   162.983 5  A_A3A5:DT16_B A 5  ? B 16 ? 21 2 
1 A DG  6  1_555 B DC 5  1_555 0.031  -0.076 0.120  4.500  4.068   -2.726  6  A_DG6:DC15_B  A 6  ? B 15 ? 19 1 
1 A DG  7  1_555 B DC 4  1_555 -0.267 -0.112 -0.230 11.005 -7.646  -1.711  7  A_DG7:DC14_B  A 7  ? B 14 ? 19 1 
1 A DA  8  1_555 B DT 3  1_555 0.093  -0.040 -0.188 6.895  -19.271 -4.141  8  A_DA8:DT13_B  A 8  ? B 13 ? 20 1 
1 A DC  9  1_555 B DG 2  1_555 0.413  -0.036 -0.049 7.059  -14.139 4.652   9  A_DC9:DG12_B  A 9  ? B 12 ? 19 1 
1 A DG  10 1_555 B DC 1  1_555 -0.438 -0.274 -1.015 -3.948 -22.427 8.609   10 A_DG10:DC11_B A 10 ? B 11 ? 19 1 
# 
loop_
_ndb_struct_na_base_pair_step.model_number 
_ndb_struct_na_base_pair_step.i_label_asym_id_1 
_ndb_struct_na_base_pair_step.i_label_comp_id_1 
_ndb_struct_na_base_pair_step.i_label_seq_id_1 
_ndb_struct_na_base_pair_step.i_symmetry_1 
_ndb_struct_na_base_pair_step.j_label_asym_id_1 
_ndb_struct_na_base_pair_step.j_label_comp_id_1 
_ndb_struct_na_base_pair_step.j_label_seq_id_1 
_ndb_struct_na_base_pair_step.j_symmetry_1 
_ndb_struct_na_base_pair_step.i_label_asym_id_2 
_ndb_struct_na_base_pair_step.i_label_comp_id_2 
_ndb_struct_na_base_pair_step.i_label_seq_id_2 
_ndb_struct_na_base_pair_step.i_symmetry_2 
_ndb_struct_na_base_pair_step.j_label_asym_id_2 
_ndb_struct_na_base_pair_step.j_label_comp_id_2 
_ndb_struct_na_base_pair_step.j_label_seq_id_2 
_ndb_struct_na_base_pair_step.j_symmetry_2 
_ndb_struct_na_base_pair_step.shift 
_ndb_struct_na_base_pair_step.slide 
_ndb_struct_na_base_pair_step.rise 
_ndb_struct_na_base_pair_step.tilt 
_ndb_struct_na_base_pair_step.roll 
_ndb_struct_na_base_pair_step.twist 
_ndb_struct_na_base_pair_step.x_displacement 
_ndb_struct_na_base_pair_step.y_displacement 
_ndb_struct_na_base_pair_step.helical_rise 
_ndb_struct_na_base_pair_step.inclination 
_ndb_struct_na_base_pair_step.tip 
_ndb_struct_na_base_pair_step.helical_twist 
_ndb_struct_na_base_pair_step.step_number 
_ndb_struct_na_base_pair_step.step_name 
_ndb_struct_na_base_pair_step.i_auth_asym_id_1 
_ndb_struct_na_base_pair_step.i_auth_seq_id_1 
_ndb_struct_na_base_pair_step.i_PDB_ins_code_1 
_ndb_struct_na_base_pair_step.j_auth_asym_id_1 
_ndb_struct_na_base_pair_step.j_auth_seq_id_1 
_ndb_struct_na_base_pair_step.j_PDB_ins_code_1 
_ndb_struct_na_base_pair_step.i_auth_asym_id_2 
_ndb_struct_na_base_pair_step.i_auth_seq_id_2 
_ndb_struct_na_base_pair_step.i_PDB_ins_code_2 
_ndb_struct_na_base_pair_step.j_auth_asym_id_2 
_ndb_struct_na_base_pair_step.j_auth_seq_id_2 
_ndb_struct_na_base_pair_step.j_PDB_ins_code_2 
1 A DG  1 1_555 B DC 10 1_555 A DT  2  1_555 B DA 9 1_555 -0.436 -1.270 3.281  3.112   0.060    33.687   -2.192 1.250  3.227  
0.103   -5.355  33.827   1 AA_DG1DT2:DA19DC20_BB  A 1 ? B 20 ? A 2  ? B 19 ? 
1 A DT  2 1_555 B DA 9  1_555 A DC  3  1_555 B DG 8 1_555 0.415  0.165  3.117  1.737   5.109    37.941   -0.363 -0.423 3.127  
7.810   -2.655  38.309   2 AA_DT2DC3:DG18DA19_BB  A 2 ? B 19 ? A 3  ? B 18 ? 
1 A DC  3 1_555 B DG 8  1_555 A DC  4  1_555 B DG 7 1_555 -1.233 -0.314 3.270  -1.808  5.178    30.813   -1.564 1.944  3.240  
9.649   3.369   31.286   3 AA_DC3DC4:DG17DG18_BB  A 3 ? B 18 ? A 4  ? B 17 ? 
1 A DC  4 1_555 B DG 7  1_555 A A3A 5  1_555 B DT 6 1_555 2.101  2.706  0.046  163.386 -54.357  -100.372 -1.391 0.940  -0.693 
27.464  82.550  -175.002 4 AA_DC4A3A5:DT16DG17_BB A 4 ? B 17 ? A 5  ? B 16 ? 
1 A A3A 5 1_555 B DT 6  1_555 A DG  6  1_555 B DC 5 1_555 -1.805 -2.787 -0.599 102.954 -146.124 11.434   -1.181 1.052  1.173  
-73.522 -51.801 178.757  5 AA_A3A5DG6:DC15DT16_BB A 5 ? B 16 ? A 6  ? B 15 ? 
1 A DG  6 1_555 B DC 5  1_555 A DG  7  1_555 B DC 4 1_555 -0.016 -0.732 3.301  3.933   4.601    26.008   -2.774 1.051  3.091  
10.051  -8.592  26.691   6 AA_DG6DG7:DC14DC15_BB  A 6 ? B 15 ? A 7  ? B 14 ? 
1 A DG  7 1_555 B DC 4  1_555 A DA  8  1_555 B DT 3 1_555 -0.946 0.237  3.289  -4.261  5.195    42.739   -0.199 0.857  3.369  
7.076   5.804   43.239   7 AA_DG7DA8:DT13DC14_BB  A 7 ? B 14 ? A 8  ? B 13 ? 
1 A DA  8 1_555 B DT 3  1_555 A DC  9  1_555 B DG 2 1_555 1.047  -0.222 3.255  0.700   -1.755   34.742   -0.104 -1.644 3.282  
-2.937  -1.171  34.792   8 AA_DA8DC9:DG12DT13_BB  A 8 ? B 13 ? A 9  ? B 12 ? 
1 A DC  9 1_555 B DG 2  1_555 A DG  10 1_555 B DC 1 1_555 0.746  -0.887 4.359  -0.380  12.089   28.083   -4.761 -1.514 3.664  
23.577  0.741   30.529   9 AA_DC9DG10:DC11DG12_BB A 9 ? B 12 ? A 10 ? B 11 ? 
# 
_pdbx_nmr_spectrometer.field_strength    600 
_pdbx_nmr_spectrometer.manufacturer      Bruker 
_pdbx_nmr_spectrometer.model             AVANCE 
_pdbx_nmr_spectrometer.spectrometer_id   1 
_pdbx_nmr_spectrometer.type              'Bruker Avance' 
# 
_atom_sites.entry_id                    2LIB 
_atom_sites.fract_transf_matrix[1][1]   1.000000 
_atom_sites.fract_transf_matrix[1][2]   0.000000 
_atom_sites.fract_transf_matrix[1][3]   0.000000 
_atom_sites.fract_transf_matrix[2][1]   0.000000 
_atom_sites.fract_transf_matrix[2][2]   1.000000 
_atom_sites.fract_transf_matrix[2][3]   0.000000 
_atom_sites.fract_transf_matrix[3][1]   0.000000 
_atom_sites.fract_transf_matrix[3][2]   0.000000 
_atom_sites.fract_transf_matrix[3][3]   1.000000 
_atom_sites.fract_transf_vector[1]      0.00000 
_atom_sites.fract_transf_vector[2]      0.00000 
_atom_sites.fract_transf_vector[3]      0.00000 
# 
loop_
_atom_type.symbol 
C 
H 
N 
O 
P 
# 
loop_
_atom_site.group_PDB 
_atom_site.id 
_atom_site.type_symbol 
_atom_site.label_atom_id 
_atom_site.label_alt_id 
_atom_site.label_comp_id 
_atom_site.label_asym_id 
_atom_site.label_entity_id 
_atom_site.label_seq_id 
_atom_site.pdbx_PDB_ins_code 
_atom_site.Cartn_x 
_atom_site.Cartn_y 
_atom_site.Cartn_z 
_atom_site.occupancy 
_atom_site.B_iso_or_equiv 
_atom_site.pdbx_formal_charge 
_atom_site.auth_seq_id 
_atom_site.auth_comp_id 
_atom_site.auth_asym_id 
_atom_site.auth_atom_id 
_atom_site.pdbx_PDB_model_num 
ATOM   1   O "O5'"  . DG  A 1 1  ? 7.010   -12.979 8.106   1.00 0.00 ? 1  DG  A "O5'"  1 
ATOM   2   C "C5'"  . DG  A 1 1  ? 7.163   -14.300 7.597   1.00 0.00 ? 1  DG  A "C5'"  1 
ATOM   3   C "C4'"  . DG  A 1 1  ? 6.314   -14.583 6.348   1.00 0.00 ? 1  DG  A "C4'"  1 
ATOM   4   O "O4'"  . DG  A 1 1  ? 4.927   -14.626 6.644   1.00 0.00 ? 1  DG  A "O4'"  1 
ATOM   5   C "C3'"  . DG  A 1 1  ? 6.519   -13.605 5.177   1.00 0.00 ? 1  DG  A "C3'"  1 
ATOM   6   O "O3'"  . DG  A 1 1  ? 7.198   -14.331 4.161   1.00 0.00 ? 1  DG  A "O3'"  1 
ATOM   7   C "C2'"  . DG  A 1 1  ? 5.073   -13.247 4.768   1.00 0.00 ? 1  DG  A "C2'"  1 
ATOM   8   C "C1'"  . DG  A 1 1  ? 4.234   -14.317 5.444   1.00 0.00 ? 1  DG  A "C1'"  1 
ATOM   9   N N9     . DG  A 1 1  ? 2.856   -13.855 5.746   1.00 0.00 ? 1  DG  A N9     1 
ATOM   10  C C8     . DG  A 1 1  ? 2.392   -13.209 6.871   1.00 0.00 ? 1  DG  A C8     1 
ATOM   11  N N7     . DG  A 1 1  ? 1.129   -12.873 6.817   1.00 0.00 ? 1  DG  A N7     1 
ATOM   12  C C5     . DG  A 1 1  ? 0.723   -13.346 5.558   1.00 0.00 ? 1  DG  A C5     1 
ATOM   13  C C6     . DG  A 1 1  ? -0.551  -13.307 4.892   1.00 0.00 ? 1  DG  A C6     1 
ATOM   14  O O6     . DG  A 1 1  ? -1.618  -12.837 5.291   1.00 0.00 ? 1  DG  A O6     1 
ATOM   15  N N1     . DG  A 1 1  ? -0.543  -13.888 3.643   1.00 0.00 ? 1  DG  A N1     1 
ATOM   16  C C2     . DG  A 1 1  ? 0.542   -14.480 3.095   1.00 0.00 ? 1  DG  A C2     1 
ATOM   17  N N2     . DG  A 1 1  ? 0.375   -15.041 1.929   1.00 0.00 ? 1  DG  A N2     1 
ATOM   18  N N3     . DG  A 1 1  ? 1.738   -14.559 3.673   1.00 0.00 ? 1  DG  A N3     1 
ATOM   19  C C4     . DG  A 1 1  ? 1.771   -13.961 4.906   1.00 0.00 ? 1  DG  A C4     1 
ATOM   20  H "H5'"  . DG  A 1 1  ? 6.901   -15.022 8.372   1.00 0.00 ? 1  DG  A "H5'"  1 
ATOM   21  H "H5''" . DG  A 1 1  ? 8.206   -14.464 7.327   1.00 0.00 ? 1  DG  A "H5''" 1 
ATOM   22  H "H4'"  . DG  A 1 1  ? 6.594   -15.577 5.993   1.00 0.00 ? 1  DG  A "H4'"  1 
ATOM   23  H "H3'"  . DG  A 1 1  ? 7.115   -12.731 5.461   1.00 0.00 ? 1  DG  A "H3'"  1 
ATOM   24  H "H2'"  . DG  A 1 1  ? 4.703   -12.297 5.170   1.00 0.00 ? 1  DG  A "H2'"  1 
ATOM   25  H "H2''" . DG  A 1 1  ? 4.980   -13.317 3.677   1.00 0.00 ? 1  DG  A "H2''" 1 
ATOM   26  H "H1'"  . DG  A 1 1  ? 4.197   -15.158 4.757   1.00 0.00 ? 1  DG  A "H1'"  1 
ATOM   27  H H8     . DG  A 1 1  ? 3.023   -13.009 7.733   1.00 0.00 ? 1  DG  A H8     1 
ATOM   28  H H1     . DG  A 1 1  ? -1.416  -13.900 3.134   1.00 0.00 ? 1  DG  A H1     1 
ATOM   29  H H21    . DG  A 1 1  ? -0.502  -14.906 1.429   1.00 0.00 ? 1  DG  A H21    1 
ATOM   30  H H22    . DG  A 1 1  ? 1.156   -15.503 1.485   1.00 0.00 ? 1  DG  A H22    1 
ATOM   31  H "HO5'" . DG  A 1 1  ? 6.117   -12.914 8.526   1.00 0.00 ? 1  DG  A "HO5'" 1 
ATOM   32  P P      . DT  A 1 2  ? 7.996   -13.635 2.969   1.00 0.00 ? 2  DT  A P      1 
ATOM   33  O OP1    . DT  A 1 2  ? 8.794   -14.693 2.312   1.00 0.00 ? 2  DT  A OP1    1 
ATOM   34  O OP2    . DT  A 1 2  ? 8.717   -12.440 3.464   1.00 0.00 ? 2  DT  A OP2    1 
ATOM   35  O "O5'"  . DT  A 1 2  ? 6.884   -13.163 1.936   1.00 0.00 ? 2  DT  A "O5'"  1 
ATOM   36  C "C5'"  . DT  A 1 2  ? 6.229   -14.110 1.100   1.00 0.00 ? 2  DT  A "C5'"  1 
ATOM   37  C "C4'"  . DT  A 1 2  ? 5.111   -13.523 0.235   1.00 0.00 ? 2  DT  A "C4'"  1 
ATOM   38  O "O4'"  . DT  A 1 2  ? 3.907   -13.385 0.973   1.00 0.00 ? 2  DT  A "O4'"  1 
ATOM   39  C "C3'"  . DT  A 1 2  ? 5.432   -12.180 -0.435  1.00 0.00 ? 2  DT  A "C3'"  1 
ATOM   40  O "O3'"  . DT  A 1 2  ? 5.772   -12.346 -1.809  1.00 0.00 ? 2  DT  A "O3'"  1 
ATOM   41  C "C2'"  . DT  A 1 2  ? 4.146   -11.382 -0.226  1.00 0.00 ? 2  DT  A "C2'"  1 
ATOM   42  C "C1'"  . DT  A 1 2  ? 3.138   -12.371 0.359   1.00 0.00 ? 2  DT  A "C1'"  1 
ATOM   43  N N1     . DT  A 1 2  ? 2.227   -11.751 1.355   1.00 0.00 ? 2  DT  A N1     1 
ATOM   44  C C2     . DT  A 1 2  ? 0.861   -11.720 1.043   1.00 0.00 ? 2  DT  A C2     1 
ATOM   45  O O2     . DT  A 1 2  ? 0.375   -12.194 0.020   1.00 0.00 ? 2  DT  A O2     1 
ATOM   46  N N3     . DT  A 1 2  ? 0.037   -11.106 1.948   1.00 0.00 ? 2  DT  A N3     1 
ATOM   47  C C4     . DT  A 1 2  ? 0.440   -10.475 3.099   1.00 0.00 ? 2  DT  A C4     1 
ATOM   48  O O4     . DT  A 1 2  ? -0.413  -9.970  3.823   1.00 0.00 ? 2  DT  A O4     1 
ATOM   49  C C5     . DT  A 1 2  ? 1.880   -10.488 3.346   1.00 0.00 ? 2  DT  A C5     1 
ATOM   50  C C7     . DT  A 1 2  ? 2.421   -9.726  4.546   1.00 0.00 ? 2  DT  A C7     1 
ATOM   51  C C6     . DT  A 1 2  ? 2.723   -11.143 2.498   1.00 0.00 ? 2  DT  A C6     1 
ATOM   52  H "H5'"  . DT  A 1 2  ? 5.801   -14.904 1.713   1.00 0.00 ? 2  DT  A "H5'"  1 
ATOM   53  H "H5''" . DT  A 1 2  ? 6.964   -14.555 0.430   1.00 0.00 ? 2  DT  A "H5''" 1 
ATOM   54  H "H4'"  . DT  A 1 2  ? 4.925   -14.244 -0.558  1.00 0.00 ? 2  DT  A "H4'"  1 
ATOM   55  H "H3'"  . DT  A 1 2  ? 6.249   -11.692 0.099   1.00 0.00 ? 2  DT  A "H3'"  1 
ATOM   56  H "H2'"  . DT  A 1 2  ? 4.341   -10.552 0.452   1.00 0.00 ? 2  DT  A "H2'"  1 
ATOM   57  H "H2''" . DT  A 1 2  ? 3.761   -11.008 -1.170  1.00 0.00 ? 2  DT  A "H2''" 1 
ATOM   58  H "H1'"  . DT  A 1 2  ? 2.539   -12.775 -0.467  1.00 0.00 ? 2  DT  A "H1'"  1 
ATOM   59  H H3     . DT  A 1 2  ? -0.941  -11.059 1.698   1.00 0.00 ? 2  DT  A H3     1 
ATOM   60  H H71    . DT  A 1 2  ? 2.079   -8.692  4.497   1.00 0.00 ? 2  DT  A H71    1 
ATOM   61  H H72    . DT  A 1 2  ? 3.509   -9.726  4.571   1.00 0.00 ? 2  DT  A H72    1 
ATOM   62  H H73    . DT  A 1 2  ? 2.012   -10.149 5.462   1.00 0.00 ? 2  DT  A H73    1 
ATOM   63  H H6     . DT  A 1 2  ? 3.798   -11.184 2.685   1.00 0.00 ? 2  DT  A H6     1 
ATOM   64  P P      . DC  A 1 3  ? 6.321   -11.149 -2.715  1.00 0.00 ? 3  DC  A P      1 
ATOM   65  O OP1    . DC  A 1 3  ? 7.165   -11.767 -3.767  1.00 0.00 ? 3  DC  A OP1    1 
ATOM   66  O OP2    . DC  A 1 3  ? 6.961   -10.148 -1.831  1.00 0.00 ? 3  DC  A OP2    1 
ATOM   67  O "O5'"  . DC  A 1 3  ? 5.024   -10.496 -3.394  1.00 0.00 ? 3  DC  A "O5'"  1 
ATOM   68  C "C5'"  . DC  A 1 3  ? 4.273   -11.210 -4.377  1.00 0.00 ? 3  DC  A "C5'"  1 
ATOM   69  C "C4'"  . DC  A 1 3  ? 2.902   -10.585 -4.696  1.00 0.00 ? 3  DC  A "C4'"  1 
ATOM   70  O "O4'"  . DC  A 1 3  ? 2.113   -10.539 -3.509  1.00 0.00 ? 3  DC  A "O4'"  1 
ATOM   71  C "C3'"  . DC  A 1 3  ? 2.935   -9.185  -5.337  1.00 0.00 ? 3  DC  A "C3'"  1 
ATOM   72  O "O3'"  . DC  A 1 3  ? 2.278   -9.204  -6.608  1.00 0.00 ? 3  DC  A "O3'"  1 
ATOM   73  C "C2'"  . DC  A 1 3  ? 2.184   -8.338  -4.317  1.00 0.00 ? 3  DC  A "C2'"  1 
ATOM   74  C "C1'"  . DC  A 1 3  ? 1.375   -9.331  -3.475  1.00 0.00 ? 3  DC  A "C1'"  1 
ATOM   75  N N1     . DC  A 1 3  ? 1.230   -8.893  -2.055  1.00 0.00 ? 3  DC  A N1     1 
ATOM   76  C C2     . DC  A 1 3  ? -0.039  -8.689  -1.488  1.00 0.00 ? 3  DC  A C2     1 
ATOM   77  O O2     . DC  A 1 3  ? -1.078  -8.847  -2.132  1.00 0.00 ? 3  DC  A O2     1 
ATOM   78  N N3     . DC  A 1 3  ? -0.164  -8.280  -0.200  1.00 0.00 ? 3  DC  A N3     1 
ATOM   79  C C4     . DC  A 1 3  ? 0.932   -8.072  0.499   1.00 0.00 ? 3  DC  A C4     1 
ATOM   80  N N4     . DC  A 1 3  ? 0.777   -7.620  1.707   1.00 0.00 ? 3  DC  A N4     1 
ATOM   81  C C5     . DC  A 1 3  ? 2.244   -8.288  -0.007  1.00 0.00 ? 3  DC  A C5     1 
ATOM   82  C C6     . DC  A 1 3  ? 2.354   -8.690  -1.295  1.00 0.00 ? 3  DC  A C6     1 
ATOM   83  H "H5'"  . DC  A 1 3  ? 4.092   -12.226 -4.021  1.00 0.00 ? 3  DC  A "H5'"  1 
ATOM   84  H "H5''" . DC  A 1 3  ? 4.852   -11.279 -5.299  1.00 0.00 ? 3  DC  A "H5''" 1 
ATOM   85  H "H4'"  . DC  A 1 3  ? 2.401   -11.250 -5.400  1.00 0.00 ? 3  DC  A "H4'"  1 
ATOM   86  H "H3'"  . DC  A 1 3  ? 3.950   -8.798  -5.436  1.00 0.00 ? 3  DC  A "H3'"  1 
ATOM   87  H "H2'"  . DC  A 1 3  ? 2.910   -7.793  -3.716  1.00 0.00 ? 3  DC  A "H2'"  1 
ATOM   88  H "H2''" . DC  A 1 3  ? 1.526   -7.632  -4.808  1.00 0.00 ? 3  DC  A "H2''" 1 
ATOM   89  H "H1'"  . DC  A 1 3  ? 0.396   -9.478  -3.946  1.00 0.00 ? 3  DC  A "H1'"  1 
ATOM   90  H H41    . DC  A 1 3  ? -0.163  -7.473  2.058   1.00 0.00 ? 3  DC  A H41    1 
ATOM   91  H H42    . DC  A 1 3  ? 1.580   -7.233  2.180   1.00 0.00 ? 3  DC  A H42    1 
ATOM   92  H H5     . DC  A 1 3  ? 3.133   -8.151  0.588   1.00 0.00 ? 3  DC  A H5     1 
ATOM   93  H H6     . DC  A 1 3  ? 3.327   -8.868  -1.742  1.00 0.00 ? 3  DC  A H6     1 
ATOM   94  P P      . DC  A 1 4  ? 2.194   -7.935  -7.599  1.00 0.00 ? 4  DC  A P      1 
ATOM   95  O OP1    . DC  A 1 4  ? 2.405   -8.465  -8.963  1.00 0.00 ? 4  DC  A OP1    1 
ATOM   96  O OP2    . DC  A 1 4  ? 3.113   -6.873  -7.130  1.00 0.00 ? 4  DC  A OP2    1 
ATOM   97  O "O5'"  . DC  A 1 4  ? 0.698   -7.359  -7.473  1.00 0.00 ? 4  DC  A "O5'"  1 
ATOM   98  C "C5'"  . DC  A 1 4  ? -0.422  -8.114  -7.930  1.00 0.00 ? 4  DC  A "C5'"  1 
ATOM   99  C "C4'"  . DC  A 1 4  ? -1.806  -7.479  -7.672  1.00 0.00 ? 4  DC  A "C4'"  1 
ATOM   100 O "O4'"  . DC  A 1 4  ? -2.057  -7.382  -6.274  1.00 0.00 ? 4  DC  A "O4'"  1 
ATOM   101 C "C3'"  . DC  A 1 4  ? -2.058  -6.099  -8.299  1.00 0.00 ? 4  DC  A "C3'"  1 
ATOM   102 O "O3'"  . DC  A 1 4  ? -3.392  -6.041  -8.811  1.00 0.00 ? 4  DC  A "O3'"  1 
ATOM   103 C "C2'"  . DC  A 1 4  ? -1.869  -5.181  -7.099  1.00 0.00 ? 4  DC  A "C2'"  1 
ATOM   104 C "C1'"  . DC  A 1 4  ? -2.384  -6.043  -5.941  1.00 0.00 ? 4  DC  A "C1'"  1 
ATOM   105 N N1     . DC  A 1 4  ? -1.789  -5.708  -4.623  1.00 0.00 ? 4  DC  A N1     1 
ATOM   106 C C2     . DC  A 1 4  ? -2.596  -5.404  -3.516  1.00 0.00 ? 4  DC  A C2     1 
ATOM   107 O O2     . DC  A 1 4  ? -3.828  -5.353  -3.592  1.00 0.00 ? 4  DC  A O2     1 
ATOM   108 N N3     . DC  A 1 4  ? -2.035  -5.160  -2.307  1.00 0.00 ? 4  DC  A N3     1 
ATOM   109 C C4     . DC  A 1 4  ? -0.723  -5.243  -2.202  1.00 0.00 ? 4  DC  A C4     1 
ATOM   110 N N4     . DC  A 1 4  ? -0.207  -5.005  -1.033  1.00 0.00 ? 4  DC  A N4     1 
ATOM   111 C C5     . DC  A 1 4  ? 0.138   -5.616  -3.262  1.00 0.00 ? 4  DC  A C5     1 
ATOM   112 C C6     . DC  A 1 4  ? -0.439  -5.832  -4.471  1.00 0.00 ? 4  DC  A C6     1 
ATOM   113 H "H5'"  . DC  A 1 4  ? -0.412  -9.085  -7.434  1.00 0.00 ? 4  DC  A "H5'"  1 
ATOM   114 H "H5''" . DC  A 1 4  ? -0.321  -8.288  -9.002  1.00 0.00 ? 4  DC  A "H5''" 1 
ATOM   115 H "H4'"  . DC  A 1 4  ? -2.539  -8.157  -8.097  1.00 0.00 ? 4  DC  A "H4'"  1 
ATOM   116 H "H3'"  . DC  A 1 4  ? -1.323  -5.893  -9.079  1.00 0.00 ? 4  DC  A "H3'"  1 
ATOM   117 H "H2'"  . DC  A 1 4  ? -0.808  -4.973  -6.994  1.00 0.00 ? 4  DC  A "H2'"  1 
ATOM   118 H "H2''" . DC  A 1 4  ? -2.429  -4.252  -7.192  1.00 0.00 ? 4  DC  A "H2''" 1 
ATOM   119 H "H1'"  . DC  A 1 4  ? -3.458  -5.944  -5.888  1.00 0.00 ? 4  DC  A "H1'"  1 
ATOM   120 H H41    . DC  A 1 4  ? -0.833  -4.767  -0.274  1.00 0.00 ? 4  DC  A H41    1 
ATOM   121 H H42    . DC  A 1 4  ? 0.788   -5.078  -0.884  1.00 0.00 ? 4  DC  A H42    1 
ATOM   122 H H5     . DC  A 1 4  ? 1.179   -5.777  -3.031  1.00 0.00 ? 4  DC  A H5     1 
ATOM   123 H H6     . DC  A 1 4  ? 0.102   -6.157  -5.345  1.00 0.00 ? 4  DC  A H6     1 
HETATM 124 C C8A    . A3A A 1 5  ? -5.662  -1.646  -3.638  1.00 0.00 ? 5  A3A A C8A    1 
HETATM 125 N N9A    . A3A A 1 5  ? -4.393  -1.947  -4.023  1.00 0.00 ? 5  A3A A N9A    1 
HETATM 126 C C4A    . A3A A 1 5  ? -3.616  -1.767  -2.898  1.00 0.00 ? 5  A3A A C4A    1 
HETATM 127 C C5A    . A3A A 1 5  ? -4.482  -1.370  -1.908  1.00 0.00 ? 5  A3A A C5A    1 
HETATM 128 N N7A    . A3A A 1 5  ? -5.803  -1.313  -2.384  1.00 0.00 ? 5  A3A A N7A    1 
HETATM 129 N N3A    . A3A A 1 5  ? -2.267  -1.941  -2.786  1.00 0.00 ? 5  A3A A N3A    1 
HETATM 130 C C2A    . A3A A 1 5  ? -1.838  -1.687  -1.549  1.00 0.00 ? 5  A3A A C2A    1 
HETATM 131 N N1A    . A3A A 1 5  ? -2.544  -1.284  -0.498  1.00 0.00 ? 5  A3A A N1A    1 
HETATM 132 C C6A    . A3A A 1 5  ? -3.859  -1.118  -0.662  1.00 0.00 ? 5  A3A A C6A    1 
HETATM 133 N N6A    . A3A A 1 5  ? -4.479  -0.715  0.432   1.00 0.00 ? 5  A3A A N6A    1 
HETATM 134 P P      . A3A A 1 5  ? -3.922  -4.855  -9.744  1.00 0.00 ? 5  A3A A P      1 
HETATM 135 O OP1    . A3A A 1 5  ? -5.090  -5.368  -10.495 1.00 0.00 ? 5  A3A A OP1    1 
HETATM 136 O OP2    . A3A A 1 5  ? -2.788  -4.297  -10.514 1.00 0.00 ? 5  A3A A OP2    1 
HETATM 137 O "O6'"  . A3A A 1 5  ? -4.439  -3.698  -8.773  1.00 0.00 ? 5  A3A A "O6'"  1 
HETATM 138 C "C5'"  . A3A A 1 5  ? -5.659  -3.838  -8.056  1.00 0.00 ? 5  A3A A "C5'"  1 
HETATM 139 C "C4'"  . A3A A 1 5  ? -5.726  -2.936  -6.816  1.00 0.00 ? 5  A3A A "C4'"  1 
HETATM 140 O "O5'"  . A3A A 1 5  ? -4.819  -3.431  -5.833  1.00 0.00 ? 5  A3A A "O5'"  1 
HETATM 141 C "C3'"  . A3A A 1 5  ? -5.420  -1.454  -7.077  1.00 0.00 ? 5  A3A A "C3'"  1 
HETATM 142 O "O3'"  . A3A A 1 5  ? -6.425  -0.657  -6.454  1.00 0.00 ? 5  A3A A "O3'"  1 
HETATM 143 C "C2'"  . A3A A 1 5  ? -4.044  -1.298  -6.433  1.00 0.00 ? 5  A3A A "C2'"  1 
HETATM 144 C "C1'"  . A3A A 1 5  ? -3.970  -2.393  -5.370  1.00 0.00 ? 5  A3A A "C1'"  1 
HETATM 145 H H8A    . A3A A 1 5  ? -6.458  -1.699  -4.356  1.00 0.00 ? 5  A3A A H8A    1 
HETATM 146 H H2A    . A3A A 1 5  ? -0.769  -1.774  -1.408  1.00 0.00 ? 5  A3A A H2A    1 
HETATM 147 H HN61   . A3A A 1 5  ? -5.486  -0.566  0.410   1.00 0.00 ? 5  A3A A HN61   1 
HETATM 148 H HN62   . A3A A 1 5  ? -3.941  -0.541  1.266   1.00 0.00 ? 5  A3A A HN62   1 
HETATM 149 H "H5'"  . A3A A 1 5  ? -5.767  -4.871  -7.718  1.00 0.00 ? 5  A3A A "H5'"  1 
HETATM 150 H "H5''" . A3A A 1 5  ? -6.495  -3.606  -8.718  1.00 0.00 ? 5  A3A A "H5''" 1 
HETATM 151 H "H4'"  . A3A A 1 5  ? -6.739  -3.003  -6.420  1.00 0.00 ? 5  A3A A "H4'"  1 
HETATM 152 H "H3'"  . A3A A 1 5  ? -5.372  -1.240  -8.145  1.00 0.00 ? 5  A3A A "H3'"  1 
HETATM 153 H "H2'"  . A3A A 1 5  ? -3.272  -1.489  -7.179  1.00 0.00 ? 5  A3A A "H2'"  1 
HETATM 154 H "H2''" . A3A A 1 5  ? -3.906  -0.308  -6.015  1.00 0.00 ? 5  A3A A "H2''" 1 
HETATM 155 H "H1'"  . A3A A 1 5  ? -2.958  -2.762  -5.294  1.00 0.00 ? 5  A3A A "H1'"  1 
ATOM   156 P P      . DG  A 1 6  ? -6.637  0.904   -6.748  1.00 0.00 ? 6  DG  A P      1 
ATOM   157 O OP1    . DG  A 1 6  ? -8.000  1.087   -7.303  1.00 0.00 ? 6  DG  A OP1    1 
ATOM   158 O OP2    . DG  A 1 6  ? -5.474  1.431   -7.494  1.00 0.00 ? 6  DG  A OP2    1 
ATOM   159 O "O5'"  . DG  A 1 6  ? -6.654  1.539   -5.281  1.00 0.00 ? 6  DG  A "O5'"  1 
ATOM   160 C "C5'"  . DG  A 1 6  ? -7.713  1.232   -4.372  1.00 0.00 ? 6  DG  A "C5'"  1 
ATOM   161 C "C4'"  . DG  A 1 6  ? -7.708  2.076   -3.091  1.00 0.00 ? 6  DG  A "C4'"  1 
ATOM   162 O "O4'"  . DG  A 1 6  ? -6.611  1.692   -2.284  1.00 0.00 ? 6  DG  A "O4'"  1 
ATOM   163 C "C3'"  . DG  A 1 6  ? -7.600  3.581   -3.362  1.00 0.00 ? 6  DG  A "C3'"  1 
ATOM   164 O "O3'"  . DG  A 1 6  ? -8.417  4.277   -2.428  1.00 0.00 ? 6  DG  A "O3'"  1 
ATOM   165 C "C2'"  . DG  A 1 6  ? -6.114  3.840   -3.137  1.00 0.00 ? 6  DG  A "C2'"  1 
ATOM   166 C "C1'"  . DG  A 1 6  ? -5.761  2.799   -2.080  1.00 0.00 ? 6  DG  A "C1'"  1 
ATOM   167 N N9     . DG  A 1 6  ? -4.367  2.336   -2.209  1.00 0.00 ? 6  DG  A N9     1 
ATOM   168 C C8     . DG  A 1 6  ? -3.776  1.820   -3.332  1.00 0.00 ? 6  DG  A C8     1 
ATOM   169 N N7     . DG  A 1 6  ? -2.529  1.474   -3.174  1.00 0.00 ? 6  DG  A N7     1 
ATOM   170 C C5     . DG  A 1 6  ? -2.286  1.757   -1.822  1.00 0.00 ? 6  DG  A C5     1 
ATOM   171 C C6     . DG  A 1 6  ? -1.118  1.549   -1.010  1.00 0.00 ? 6  DG  A C6     1 
ATOM   172 O O6     . DG  A 1 6  ? -0.023  1.075   -1.325  1.00 0.00 ? 6  DG  A O6     1 
ATOM   173 N N1     . DG  A 1 6  ? -1.288  1.939   0.301   1.00 0.00 ? 6  DG  A N1     1 
ATOM   174 C C2     . DG  A 1 6  ? -2.434  2.469   0.791   1.00 0.00 ? 6  DG  A C2     1 
ATOM   175 N N2     . DG  A 1 6  ? -2.410  2.827   2.044   1.00 0.00 ? 6  DG  A N2     1 
ATOM   176 N N3     . DG  A 1 6  ? -3.542  2.695   0.084   1.00 0.00 ? 6  DG  A N3     1 
ATOM   177 C C4     . DG  A 1 6  ? -3.406  2.298   -1.223  1.00 0.00 ? 6  DG  A C4     1 
ATOM   178 H "H5'"  . DG  A 1 6  ? -7.659  0.181   -4.094  1.00 0.00 ? 6  DG  A "H5'"  1 
ATOM   179 H "H5''" . DG  A 1 6  ? -8.671  1.389   -4.864  1.00 0.00 ? 6  DG  A "H5''" 1 
ATOM   180 H "H4'"  . DG  A 1 6  ? -8.627  1.871   -2.547  1.00 0.00 ? 6  DG  A "H4'"  1 
ATOM   181 H "H3'"  . DG  A 1 6  ? -7.892  3.815   -4.388  1.00 0.00 ? 6  DG  A "H3'"  1 
ATOM   182 H "H2'"  . DG  A 1 6  ? -5.581  3.662   -4.070  1.00 0.00 ? 6  DG  A "H2'"  1 
ATOM   183 H "H2''" . DG  A 1 6  ? -5.904  4.839   -2.765  1.00 0.00 ? 6  DG  A "H2''" 1 
ATOM   184 H "H1'"  . DG  A 1 6  ? -5.943  3.234   -1.101  1.00 0.00 ? 6  DG  A "H1'"  1 
ATOM   185 H H8     . DG  A 1 6  ? -4.326  1.714   -4.261  1.00 0.00 ? 6  DG  A H8     1 
ATOM   186 H H1     . DG  A 1 6  ? -0.510  1.814   0.929   1.00 0.00 ? 6  DG  A H1     1 
ATOM   187 H H21    . DG  A 1 6  ? -1.581  2.683   2.613   1.00 0.00 ? 6  DG  A H21    1 
ATOM   188 H H22    . DG  A 1 6  ? -3.221  3.281   2.419   1.00 0.00 ? 6  DG  A H22    1 
ATOM   189 P P      . DG  A 1 7  ? -8.607  5.861   -2.477  1.00 0.00 ? 7  DG  A P      1 
ATOM   190 O OP1    . DG  A 1 7  ? -9.933  6.168   -1.897  1.00 0.00 ? 7  DG  A OP1    1 
ATOM   191 O OP2    . DG  A 1 7  ? -8.289  6.352   -3.838  1.00 0.00 ? 7  DG  A OP2    1 
ATOM   192 O "O5'"  . DG  A 1 7  ? -7.501  6.423   -1.490  1.00 0.00 ? 7  DG  A "O5'"  1 
ATOM   193 C "C5'"  . DG  A 1 7  ? -7.575  6.177   -0.093  1.00 0.00 ? 7  DG  A "C5'"  1 
ATOM   194 C "C4'"  . DG  A 1 7  ? -6.398  6.784   0.673   1.00 0.00 ? 7  DG  A "C4'"  1 
ATOM   195 O "O4'"  . DG  A 1 7  ? -5.205  6.068   0.402   1.00 0.00 ? 7  DG  A "O4'"  1 
ATOM   196 C "C3'"  . DG  A 1 7  ? -6.155  8.266   0.369   1.00 0.00 ? 7  DG  A "C3'"  1 
ATOM   197 O "O3'"  . DG  A 1 7  ? -5.868  8.928   1.590   1.00 0.00 ? 7  DG  A "O3'"  1 
ATOM   198 C "C2'"  . DG  A 1 7  ? -4.900  8.200   -0.487  1.00 0.00 ? 7  DG  A "C2'"  1 
ATOM   199 C "C1'"  . DG  A 1 7  ? -4.194  7.023   0.153   1.00 0.00 ? 7  DG  A "C1'"  1 
ATOM   200 N N9     . DG  A 1 7  ? -3.124  6.392   -0.641  1.00 0.00 ? 7  DG  A N9     1 
ATOM   201 C C8     . DG  A 1 7  ? -3.083  6.116   -1.986  1.00 0.00 ? 7  DG  A C8     1 
ATOM   202 N N7     . DG  A 1 7  ? -2.001  5.487   -2.368  1.00 0.00 ? 7  DG  A N7     1 
ATOM   203 C C5     . DG  A 1 7  ? -1.257  5.365   -1.182  1.00 0.00 ? 7  DG  A C5     1 
ATOM   204 C C6     . DG  A 1 7  ? 0.035   4.794   -0.910  1.00 0.00 ? 7  DG  A C6     1 
ATOM   205 O O6     . DG  A 1 7  ? 0.807   4.217   -1.676  1.00 0.00 ? 7  DG  A O6     1 
ATOM   206 N N1     . DG  A 1 7  ? 0.431   4.919   0.406   1.00 0.00 ? 7  DG  A N1     1 
ATOM   207 C C2     . DG  A 1 7  ? -0.341  5.470   1.374   1.00 0.00 ? 7  DG  A C2     1 
ATOM   208 N N2     . DG  A 1 7  ? 0.168   5.567   2.570   1.00 0.00 ? 7  DG  A N2     1 
ATOM   209 N N3     . DG  A 1 7  ? -1.557  5.972   1.184   1.00 0.00 ? 7  DG  A N3     1 
ATOM   210 C C4     . DG  A 1 7  ? -1.950  5.908   -0.124  1.00 0.00 ? 7  DG  A C4     1 
ATOM   211 H "H5'"  . DG  A 1 7  ? -7.590  5.104   0.094   1.00 0.00 ? 7  DG  A "H5'"  1 
ATOM   212 H "H5''" . DG  A 1 7  ? -8.494  6.610   0.299   1.00 0.00 ? 7  DG  A "H5''" 1 
ATOM   213 H "H4'"  . DG  A 1 7  ? -6.606  6.694   1.732   1.00 0.00 ? 7  DG  A "H4'"  1 
ATOM   214 H "H3'"  . DG  A 1 7  ? -7.001  8.711   -0.156  1.00 0.00 ? 7  DG  A "H3'"  1 
ATOM   215 H "H2'"  . DG  A 1 7  ? -5.137  7.956   -1.498  1.00 0.00 ? 7  DG  A "H2'"  1 
ATOM   216 H "H2''" . DG  A 1 7  ? -4.326  9.117   -0.462  1.00 0.00 ? 7  DG  A "H2''" 1 
ATOM   217 H "H1'"  . DG  A 1 7  ? -3.792  7.390   1.088   1.00 0.00 ? 7  DG  A "H1'"  1 
ATOM   218 H H8     . DG  A 1 7  ? -3.906  6.390   -2.635  1.00 0.00 ? 7  DG  A H8     1 
ATOM   219 H H1     . DG  A 1 7  ? 1.379   4.651   0.623   1.00 0.00 ? 7  DG  A H1     1 
ATOM   220 H H21    . DG  A 1 7  ? 1.140   5.334   2.725   1.00 0.00 ? 7  DG  A H21    1 
ATOM   221 H H22    . DG  A 1 7  ? -0.428  5.978   3.278   1.00 0.00 ? 7  DG  A H22    1 
ATOM   222 P P      . DA  A 1 8  ? -6.051  10.489  1.792   1.00 0.00 ? 8  DA  A P      1 
ATOM   223 O OP1    . DA  A 1 8  ? -7.316  10.689  2.529   1.00 0.00 ? 8  DA  A OP1    1 
ATOM   224 O OP2    . DA  A 1 8  ? -5.830  11.204  0.514   1.00 0.00 ? 8  DA  A OP2    1 
ATOM   225 O "O5'"  . DA  A 1 8  ? -4.867  10.865  2.786   1.00 0.00 ? 8  DA  A "O5'"  1 
ATOM   226 C "C5'"  . DA  A 1 8  ? -4.824  10.310  4.100   1.00 0.00 ? 8  DA  A "C5'"  1 
ATOM   227 C "C4'"  . DA  A 1 8  ? -3.449  10.461  4.762   1.00 0.00 ? 8  DA  A "C4'"  1 
ATOM   228 O "O4'"  . DA  A 1 8  ? -2.530  9.593   4.113   1.00 0.00 ? 8  DA  A "O4'"  1 
ATOM   229 C "C3'"  . DA  A 1 8  ? -2.947  11.909  4.746   1.00 0.00 ? 8  DA  A "C3'"  1 
ATOM   230 O "O3'"  . DA  A 1 8  ? -2.428  12.241  6.029   1.00 0.00 ? 8  DA  A "O3'"  1 
ATOM   231 C "C2'"  . DA  A 1 8  ? -1.918  11.804  3.642   1.00 0.00 ? 8  DA  A "C2'"  1 
ATOM   232 C "C1'"  . DA  A 1 8  ? -1.451  10.344  3.604   1.00 0.00 ? 8  DA  A "C1'"  1 
ATOM   233 N N9     . DA  A 1 8  ? -1.209  9.881   2.216   1.00 0.00 ? 8  DA  A N9     1 
ATOM   234 C C8     . DA  A 1 8  ? -2.040  9.971   1.122   1.00 0.00 ? 8  DA  A C8     1 
ATOM   235 N N7     . DA  A 1 8  ? -1.555  9.456   0.019   1.00 0.00 ? 8  DA  A N7     1 
ATOM   236 C C5     . DA  A 1 8  ? -0.291  9.002   0.432   1.00 0.00 ? 8  DA  A C5     1 
ATOM   237 C C6     . DA  A 1 8  ? 0.790   8.344   -0.198  1.00 0.00 ? 8  DA  A C6     1 
ATOM   238 N N6     . DA  A 1 8  ? 0.807   7.967   -1.456  1.00 0.00 ? 8  DA  A N6     1 
ATOM   239 N N1     . DA  A 1 8  ? 1.898   8.014   0.470   1.00 0.00 ? 8  DA  A N1     1 
ATOM   240 C C2     . DA  A 1 8  ? 1.948   8.326   1.756   1.00 0.00 ? 8  DA  A C2     1 
ATOM   241 N N3     . DA  A 1 8  ? 1.029   8.934   2.495   1.00 0.00 ? 8  DA  A N3     1 
ATOM   242 C C4     . DA  A 1 8  ? -0.077  9.249   1.762   1.00 0.00 ? 8  DA  A C4     1 
ATOM   243 H "H5'"  . DA  A 1 8  ? -5.055  9.244   4.059   1.00 0.00 ? 8  DA  A "H5'"  1 
ATOM   244 H "H5''" . DA  A 1 8  ? -5.573  10.798  4.721   1.00 0.00 ? 8  DA  A "H5''" 1 
ATOM   245 H "H4'"  . DA  A 1 8  ? -3.477  10.133  5.795   1.00 0.00 ? 8  DA  A "H4'"  1 
ATOM   246 H "H3'"  . DA  A 1 8  ? -3.706  12.644  4.442   1.00 0.00 ? 8  DA  A "H3'"  1 
ATOM   247 H "H2'"  . DA  A 1 8  ? -2.424  12.066  2.711   1.00 0.00 ? 8  DA  A "H2'"  1 
ATOM   248 H "H2''" . DA  A 1 8  ? -1.101  12.472  3.848   1.00 0.00 ? 8  DA  A "H2''" 1 
ATOM   249 H "H1'"  . DA  A 1 8  ? -0.559  10.184  4.237   1.00 0.00 ? 8  DA  A "H1'"  1 
ATOM   250 H H8     . DA  A 1 8  ? -3.017  10.433  1.182   1.00 0.00 ? 8  DA  A H8     1 
ATOM   251 H H61    . DA  A 1 8  ? 1.604   7.449   -1.800  1.00 0.00 ? 8  DA  A H61    1 
ATOM   252 H H62    . DA  A 1 8  ? 0.052   8.218   -2.078  1.00 0.00 ? 8  DA  A H62    1 
ATOM   253 H H2     . DA  A 1 8  ? 2.842   8.050   2.292   1.00 0.00 ? 8  DA  A H2     1 
ATOM   254 P P      . DC  A 1 9  ? -1.964  13.721  6.419   1.00 0.00 ? 9  DC  A P      1 
ATOM   255 O OP1    . DC  A 1 9  ? -1.905  13.796  7.896   1.00 0.00 ? 9  DC  A OP1    1 
ATOM   256 O OP2    . DC  A 1 9  ? -2.859  14.665  5.721   1.00 0.00 ? 9  DC  A OP2    1 
ATOM   257 O "O5'"  . DC  A 1 9  ? -0.478  13.860  5.838   1.00 0.00 ? 9  DC  A "O5'"  1 
ATOM   258 C "C5'"  . DC  A 1 9  ? 0.527   12.950  6.270   1.00 0.00 ? 9  DC  A "C5'"  1 
ATOM   259 C "C4'"  . DC  A 1 9  ? 1.687   12.790  5.281   1.00 0.00 ? 9  DC  A "C4'"  1 
ATOM   260 O "O4'"  . DC  A 1 9  ? 1.312   12.234  4.042   1.00 0.00 ? 9  DC  A "O4'"  1 
ATOM   261 C "C3'"  . DC  A 1 9  ? 2.569   14.028  5.049   1.00 0.00 ? 9  DC  A "C3'"  1 
ATOM   262 O "O3'"  . DC  A 1 9  ? 3.884   13.798  5.566   1.00 0.00 ? 9  DC  A "O3'"  1 
ATOM   263 C "C2'"  . DC  A 1 9  ? 2.574   14.079  3.530   1.00 0.00 ? 9  DC  A "C2'"  1 
ATOM   264 C "C1'"  . DC  A 1 9  ? 2.267   12.657  3.097   1.00 0.00 ? 9  DC  A "C1'"  1 
ATOM   265 N N1     . DC  A 1 9  ? 1.659   12.538  1.762   1.00 0.00 ? 9  DC  A N1     1 
ATOM   266 C C2     . DC  A 1 9  ? 2.313   11.792  0.781   1.00 0.00 ? 9  DC  A C2     1 
ATOM   267 O O2     . DC  A 1 9  ? 3.404   11.259  0.999   1.00 0.00 ? 9  DC  A O2     1 
ATOM   268 N N3     . DC  A 1 9  ? 1.764   11.620  -0.439  1.00 0.00 ? 9  DC  A N3     1 
ATOM   269 C C4     . DC  A 1 9  ? 0.582   12.154  -0.664  1.00 0.00 ? 9  DC  A C4     1 
ATOM   270 N N4     . DC  A 1 9  ? 0.111   11.942  -1.858  1.00 0.00 ? 9  DC  A N4     1 
ATOM   271 C C5     . DC  A 1 9  ? -0.152  12.893  0.311   1.00 0.00 ? 9  DC  A C5     1 
ATOM   272 C C6     . DC  A 1 9  ? 0.429   13.078  1.528   1.00 0.00 ? 9  DC  A C6     1 
ATOM   273 H "H5'"  . DC  A 1 9  ? 0.087   11.960  6.408   1.00 0.00 ? 9  DC  A "H5'"  1 
ATOM   274 H "H5''" . DC  A 1 9  ? 0.920   13.275  7.234   1.00 0.00 ? 9  DC  A "H5''" 1 
ATOM   275 H "H4'"  . DC  A 1 9  ? 2.312   12.012  5.658   1.00 0.00 ? 9  DC  A "H4'"  1 
ATOM   276 H "H3'"  . DC  A 1 9  ? 2.141   14.953  5.450   1.00 0.00 ? 9  DC  A "H3'"  1 
ATOM   277 H "H2'"  . DC  A 1 9  ? 1.804   14.782  3.177   1.00 0.00 ? 9  DC  A "H2'"  1 
ATOM   278 H "H2''" . DC  A 1 9  ? 3.574   14.305  3.211   1.00 0.00 ? 9  DC  A "H2''" 1 
ATOM   279 H "H1'"  . DC  A 1 9  ? 3.201   12.081  3.117   1.00 0.00 ? 9  DC  A "H1'"  1 
ATOM   280 H H41    . DC  A 1 9  ? 0.701   11.449  -2.510  1.00 0.00 ? 9  DC  A H41    1 
ATOM   281 H H42    . DC  A 1 9  ? -0.804  12.293  -2.104  1.00 0.00 ? 9  DC  A H42    1 
ATOM   282 H H5     . DC  A 1 9  ? -1.119  13.300  0.064   1.00 0.00 ? 9  DC  A H5     1 
ATOM   283 H H6     . DC  A 1 9  ? 0.001   13.698  2.322   1.00 0.00 ? 9  DC  A H6     1 
ATOM   284 P P      . DG  A 1 10 ? 5.023   14.927  5.600   1.00 0.00 ? 10 DG  A P      1 
ATOM   285 O OP1    . DG  A 1 10 ? 6.110   14.460  6.486   1.00 0.00 ? 10 DG  A OP1    1 
ATOM   286 O OP2    . DG  A 1 10 ? 4.373   16.218  5.910   1.00 0.00 ? 10 DG  A OP2    1 
ATOM   287 O "O5'"  . DG  A 1 10 ? 5.614   15.075  4.127   1.00 0.00 ? 10 DG  A "O5'"  1 
ATOM   288 C "C5'"  . DG  A 1 10 ? 6.456   14.097  3.526   1.00 0.00 ? 10 DG  A "C5'"  1 
ATOM   289 C "C4'"  . DG  A 1 10 ? 6.952   14.503  2.123   1.00 0.00 ? 10 DG  A "C4'"  1 
ATOM   290 O "O4'"  . DG  A 1 10 ? 6.049   14.067  1.115   1.00 0.00 ? 10 DG  A "O4'"  1 
ATOM   291 C "C3'"  . DG  A 1 10 ? 7.201   16.016  1.933   1.00 0.00 ? 10 DG  A "C3'"  1 
ATOM   292 O "O3'"  . DG  A 1 10 ? 8.563   16.290  1.640   1.00 0.00 ? 10 DG  A "O3'"  1 
ATOM   293 C "C2'"  . DG  A 1 10 ? 6.361   16.371  0.697   1.00 0.00 ? 10 DG  A "C2'"  1 
ATOM   294 C "C1'"  . DG  A 1 10 ? 6.027   15.008  0.054   1.00 0.00 ? 10 DG  A "C1'"  1 
ATOM   295 N N9     . DG  A 1 10 ? 4.712   14.897  -0.624  1.00 0.00 ? 10 DG  A N9     1 
ATOM   296 C C8     . DG  A 1 10 ? 3.488   15.408  -0.269  1.00 0.00 ? 10 DG  A C8     1 
ATOM   297 N N7     . DG  A 1 10 ? 2.562   15.277  -1.181  1.00 0.00 ? 10 DG  A N7     1 
ATOM   298 C C5     . DG  A 1 10 ? 3.217   14.616  -2.223  1.00 0.00 ? 10 DG  A C5     1 
ATOM   299 C C6     . DG  A 1 10 ? 2.796   14.287  -3.559  1.00 0.00 ? 10 DG  A C6     1 
ATOM   300 O O6     . DG  A 1 10 ? 1.721   14.505  -4.123  1.00 0.00 ? 10 DG  A O6     1 
ATOM   301 N N1     . DG  A 1 10 ? 3.792   13.706  -4.314  1.00 0.00 ? 10 DG  A N1     1 
ATOM   302 C C2     . DG  A 1 10 ? 5.033   13.425  -3.848  1.00 0.00 ? 10 DG  A C2     1 
ATOM   303 N N2     . DG  A 1 10 ? 5.897   12.977  -4.715  1.00 0.00 ? 10 DG  A N2     1 
ATOM   304 N N3     . DG  A 1 10 ? 5.466   13.696  -2.621  1.00 0.00 ? 10 DG  A N3     1 
ATOM   305 C C4     . DG  A 1 10 ? 4.516   14.323  -1.861  1.00 0.00 ? 10 DG  A C4     1 
ATOM   306 H "H5'"  . DG  A 1 10 ? 5.927   13.145  3.455   1.00 0.00 ? 10 DG  A "H5'"  1 
ATOM   307 H "H5''" . DG  A 1 10 ? 7.330   13.949  4.158   1.00 0.00 ? 10 DG  A "H5''" 1 
ATOM   308 H "H4'"  . DG  A 1 10 ? 7.892   13.982  1.970   1.00 0.00 ? 10 DG  A "H4'"  1 
ATOM   309 H "H3'"  . DG  A 1 10 ? 6.906   16.521  2.865   1.00 0.00 ? 10 DG  A "H3'"  1 
ATOM   310 H "HO3'" . DG  A 1 10 ? 8.690   17.270  1.655   1.00 0.00 ? 10 DG  A "HO3'" 1 
ATOM   311 H "H2'"  . DG  A 1 10 ? 5.452   16.897  0.992   1.00 0.00 ? 10 DG  A "H2'"  1 
ATOM   312 H "H2''" . DG  A 1 10 ? 6.956   16.990  0.008   1.00 0.00 ? 10 DG  A "H2''" 1 
ATOM   313 H "H1'"  . DG  A 1 10 ? 6.776   14.789  -0.724  1.00 0.00 ? 10 DG  A "H1'"  1 
ATOM   314 H H8     . DG  A 1 10 ? 3.323   15.944  0.650   1.00 0.00 ? 10 DG  A H8     1 
ATOM   315 H H1     . DG  A 1 10 ? 3.594   13.580  -5.291  1.00 0.00 ? 10 DG  A H1     1 
ATOM   316 H H21    . DG  A 1 10 ? 5.715   13.088  -5.701  1.00 0.00 ? 10 DG  A H21    1 
ATOM   317 H H22    . DG  A 1 10 ? 6.833   12.780  -4.376  1.00 0.00 ? 10 DG  A H22    1 
ATOM   318 O "O5'"  . DC  B 2 1  ? 3.660   11.160  -12.848 1.00 0.00 ? 11 DC  B "O5'"  1 
ATOM   319 C "C5'"  . DC  B 2 1  ? 5.061   11.161  -13.117 1.00 0.00 ? 11 DC  B "C5'"  1 
ATOM   320 C "C4'"  . DC  B 2 1  ? 5.930   11.328  -11.857 1.00 0.00 ? 11 DC  B "C4'"  1 
ATOM   321 O "O4'"  . DC  B 2 1  ? 5.516   12.528  -11.188 1.00 0.00 ? 11 DC  B "O4'"  1 
ATOM   322 C "C3'"  . DC  B 2 1  ? 5.843   10.140  -10.898 1.00 0.00 ? 11 DC  B "C3'"  1 
ATOM   323 O "O3'"  . DC  B 2 1  ? 7.075   9.412   -10.869 1.00 0.00 ? 11 DC  B "O3'"  1 
ATOM   324 C "C2'"  . DC  B 2 1  ? 5.455   10.799  -9.577  1.00 0.00 ? 11 DC  B "C2'"  1 
ATOM   325 C "C1'"  . DC  B 2 1  ? 5.418   12.306  -9.791  1.00 0.00 ? 11 DC  B "C1'"  1 
ATOM   326 N N1     . DC  B 2 1  ? 4.224   12.929  -9.160  1.00 0.00 ? 11 DC  B N1     1 
ATOM   327 C C2     . DC  B 2 1  ? 4.324   13.542  -7.911  1.00 0.00 ? 11 DC  B C2     1 
ATOM   328 O O2     . DC  B 2 1  ? 5.413   13.845  -7.420  1.00 0.00 ? 11 DC  B O2     1 
ATOM   329 N N3     . DC  B 2 1  ? 3.217   13.801  -7.171  1.00 0.00 ? 11 DC  B N3     1 
ATOM   330 C C4     . DC  B 2 1  ? 2.041   13.431  -7.647  1.00 0.00 ? 11 DC  B C4     1 
ATOM   331 N N4     . DC  B 2 1  ? 1.029   13.606  -6.852  1.00 0.00 ? 11 DC  B N4     1 
ATOM   332 C C5     . DC  B 2 1  ? 1.879   12.816  -8.916  1.00 0.00 ? 11 DC  B C5     1 
ATOM   333 C C6     . DC  B 2 1  ? 3.005   12.613  -9.646  1.00 0.00 ? 11 DC  B C6     1 
ATOM   334 H "H5'"  . DC  B 2 1  ? 5.294   11.984  -13.794 1.00 0.00 ? 11 DC  B "H5'"  1 
ATOM   335 H "H5''" . DC  B 2 1  ? 5.339   10.230  -13.616 1.00 0.00 ? 11 DC  B "H5''" 1 
ATOM   336 H "H4'"  . DC  B 2 1  ? 6.962   11.413  -12.213 1.00 0.00 ? 11 DC  B "H4'"  1 
ATOM   337 H "H3'"  . DC  B 2 1  ? 4.989   9.581   -11.277 1.00 0.00 ? 11 DC  B "H3'"  1 
ATOM   338 H "H2'"  . DC  B 2 1  ? 4.449   10.465  -9.317  1.00 0.00 ? 11 DC  B "H2'"  1 
ATOM   339 H "H2''" . DC  B 2 1  ? 6.199   10.611  -8.809  1.00 0.00 ? 11 DC  B "H2''" 1 
ATOM   340 H "H1'"  . DC  B 2 1  ? 6.226   12.808  -9.313  1.00 0.00 ? 11 DC  B "H1'"  1 
ATOM   341 H H41    . DC  B 2 1  ? 1.200   13.953  -5.916  1.00 0.00 ? 11 DC  B H41    1 
ATOM   342 H H42    . DC  B 2 1  ? 0.109   13.299  -7.148  1.00 0.00 ? 11 DC  B H42    1 
ATOM   343 H H5     . DC  B 2 1  ? 0.941   12.412  -9.258  1.00 0.00 ? 11 DC  B H5     1 
ATOM   344 H H6     . DC  B 2 1  ? 3.038   12.111  -10.584 1.00 0.00 ? 11 DC  B H6     1 
ATOM   345 H "HO5'" . DC  B 2 1  ? 3.255   11.741  -13.535 1.00 0.00 ? 11 DC  B "HO5'" 1 
ATOM   346 P P      . DG  B 2 2  ? 7.240   8.017   -10.119 1.00 0.00 ? 12 DG  B P      1 
ATOM   347 O OP1    . DG  B 2 2  ? 8.403   7.333   -10.726 1.00 0.00 ? 12 DG  B OP1    1 
ATOM   348 O OP2    . DG  B 2 2  ? 5.949   7.303   -10.088 1.00 0.00 ? 12 DG  B OP2    1 
ATOM   349 O "O5'"  . DG  B 2 2  ? 7.611   8.389   -8.616  1.00 0.00 ? 12 DG  B "O5'"  1 
ATOM   350 C "C5'"  . DG  B 2 2  ? 8.762   9.159   -8.276  1.00 0.00 ? 12 DG  B "C5'"  1 
ATOM   351 C "C4'"  . DG  B 2 2  ? 9.076   9.033   -6.774  1.00 0.00 ? 12 DG  B "C4'"  1 
ATOM   352 O "O4'"  . DG  B 2 2  ? 8.012   9.618   -6.039  1.00 0.00 ? 12 DG  B "O4'"  1 
ATOM   353 C "C3'"  . DG  B 2 2  ? 9.244   7.561   -6.369  1.00 0.00 ? 12 DG  B "C3'"  1 
ATOM   354 O "O3'"  . DG  B 2 2  ? 10.385  7.365   -5.537  1.00 0.00 ? 12 DG  B "O3'"  1 
ATOM   355 C "C2'"  . DG  B 2 2  ? 7.927   7.279   -5.661  1.00 0.00 ? 12 DG  B "C2'"  1 
ATOM   356 C "C1'"  . DG  B 2 2  ? 7.469   8.647   -5.167  1.00 0.00 ? 12 DG  B "C1'"  1 
ATOM   357 N N9     . DG  B 2 2  ? 5.994   8.803   -5.133  1.00 0.00 ? 12 DG  B N9     1 
ATOM   358 C C8     . DG  B 2 2  ? 5.066   8.604   -6.130  1.00 0.00 ? 12 DG  B C8     1 
ATOM   359 N N7     . DG  B 2 2  ? 3.840   8.936   -5.796  1.00 0.00 ? 12 DG  B N7     1 
ATOM   360 C C5     . DG  B 2 2  ? 3.971   9.406   -4.478  1.00 0.00 ? 12 DG  B C5     1 
ATOM   361 C C6     . DG  B 2 2  ? 3.025   9.997   -3.558  1.00 0.00 ? 12 DG  B C6     1 
ATOM   362 O O6     . DG  B 2 2  ? 1.827   10.249  -3.700  1.00 0.00 ? 12 DG  B O6     1 
ATOM   363 N N1     . DG  B 2 2  ? 3.581   10.343  -2.348  1.00 0.00 ? 12 DG  B N1     1 
ATOM   364 C C2     . DG  B 2 2  ? 4.897   10.219  -2.067  1.00 0.00 ? 12 DG  B C2     1 
ATOM   365 N N2     . DG  B 2 2  ? 5.300   10.618  -0.902  1.00 0.00 ? 12 DG  B N2     1 
ATOM   366 N N3     . DG  B 2 2  ? 5.812   9.708   -2.876  1.00 0.00 ? 12 DG  B N3     1 
ATOM   367 C C4     . DG  B 2 2  ? 5.286   9.318   -4.074  1.00 0.00 ? 12 DG  B C4     1 
ATOM   368 H "H5'"  . DG  B 2 2  ? 8.591   10.207  -8.521  1.00 0.00 ? 12 DG  B "H5'"  1 
ATOM   369 H "H5''" . DG  B 2 2  ? 9.628   8.807   -8.839  1.00 0.00 ? 12 DG  B "H5''" 1 
ATOM   370 H "H4'"  . DG  B 2 2  ? 9.995   9.563   -6.541  1.00 0.00 ? 12 DG  B "H4'"  1 
ATOM   371 H "H3'"  . DG  B 2 2  ? 9.338   7.005   -7.303  1.00 0.00 ? 12 DG  B "H3'"  1 
ATOM   372 H "H2'"  . DG  B 2 2  ? 7.215   6.886   -6.388  1.00 0.00 ? 12 DG  B "H2'"  1 
ATOM   373 H "H2''" . DG  B 2 2  ? 8.072   6.603   -4.824  1.00 0.00 ? 12 DG  B "H2''" 1 
ATOM   374 H "H1'"  . DG  B 2 2  ? 7.887   8.883   -4.187  1.00 0.00 ? 12 DG  B "H1'"  1 
ATOM   375 H H8     . DG  B 2 2  ? 5.344   8.352   -7.150  1.00 0.00 ? 12 DG  B H8     1 
ATOM   376 H H1     . DG  B 2 2  ? 2.967   10.747  -1.655  1.00 0.00 ? 12 DG  B H1     1 
ATOM   377 H H21    . DG  B 2 2  ? 4.633   10.986  -0.234  1.00 0.00 ? 12 DG  B H21    1 
ATOM   378 H H22    . DG  B 2 2  ? 6.293   10.606  -0.741  1.00 0.00 ? 12 DG  B H22    1 
ATOM   379 P P      . DT  B 2 3  ? 10.857  5.914   -5.051  1.00 0.00 ? 13 DT  B P      1 
ATOM   380 O OP1    . DT  B 2 3  ? 12.333  5.931   -4.973  1.00 0.00 ? 13 DT  B OP1    1 
ATOM   381 O OP2    . DT  B 2 3  ? 10.197  4.881   -5.885  1.00 0.00 ? 13 DT  B OP2    1 
ATOM   382 O "O5'"  . DT  B 2 3  ? 10.307  5.781   -3.550  1.00 0.00 ? 13 DT  B "O5'"  1 
ATOM   383 C "C5'"  . DT  B 2 3  ? 10.918  6.540   -2.505  1.00 0.00 ? 13 DT  B "C5'"  1 
ATOM   384 C "C4'"  . DT  B 2 3  ? 10.136  6.582   -1.186  1.00 0.00 ? 13 DT  B "C4'"  1 
ATOM   385 O "O4'"  . DT  B 2 3  ? 8.897   7.251   -1.371  1.00 0.00 ? 13 DT  B "O4'"  1 
ATOM   386 C "C3'"  . DT  B 2 3  ? 9.912   5.229   -0.490  1.00 0.00 ? 13 DT  B "C3'"  1 
ATOM   387 O "O3'"  . DT  B 2 3  ? 10.669  5.078   0.716   1.00 0.00 ? 13 DT  B "O3'"  1 
ATOM   388 C "C2'"  . DT  B 2 3  ? 8.411   5.265   -0.237  1.00 0.00 ? 13 DT  B "C2'"  1 
ATOM   389 C "C1'"  . DT  B 2 3  ? 7.950   6.702   -0.481  1.00 0.00 ? 13 DT  B "C1'"  1 
ATOM   390 N N1     . DT  B 2 3  ? 6.607   6.722   -1.116  1.00 0.00 ? 13 DT  B N1     1 
ATOM   391 C C2     . DT  B 2 3  ? 5.521   7.271   -0.420  1.00 0.00 ? 13 DT  B C2     1 
ATOM   392 O O2     . DT  B 2 3  ? 5.617   7.826   0.676   1.00 0.00 ? 13 DT  B O2     1 
ATOM   393 N N3     . DT  B 2 3  ? 4.285   7.155   -1.019  1.00 0.00 ? 13 DT  B N3     1 
ATOM   394 C C4     . DT  B 2 3  ? 4.036   6.549   -2.233  1.00 0.00 ? 13 DT  B C4     1 
ATOM   395 O O4     . DT  B 2 3  ? 2.895   6.544   -2.688  1.00 0.00 ? 13 DT  B O4     1 
ATOM   396 C C5     . DT  B 2 3  ? 5.200   5.957   -2.879  1.00 0.00 ? 13 DT  B C5     1 
ATOM   397 C C7     . DT  B 2 3  ? 5.004   5.160   -4.155  1.00 0.00 ? 13 DT  B C7     1 
ATOM   398 C C6     . DT  B 2 3  ? 6.433   6.075   -2.320  1.00 0.00 ? 13 DT  B C6     1 
ATOM   399 H "H5'"  . DT  B 2 3  ? 11.041  7.572   -2.840  1.00 0.00 ? 13 DT  B "H5'"  1 
ATOM   400 H "H5''" . DT  B 2 3  ? 11.908  6.134   -2.301  1.00 0.00 ? 13 DT  B "H5''" 1 
ATOM   401 H "H4'"  . DT  B 2 3  ? 10.704  7.192   -0.492  1.00 0.00 ? 13 DT  B "H4'"  1 
ATOM   402 H "H3'"  . DT  B 2 3  ? 10.146  4.423   -1.186  1.00 0.00 ? 13 DT  B "H3'"  1 
ATOM   403 H "H2'"  . DT  B 2 3  ? 7.926   4.577   -0.928  1.00 0.00 ? 13 DT  B "H2'"  1 
ATOM   404 H "H2''" . DT  B 2 3  ? 8.182   5.003   0.787   1.00 0.00 ? 13 DT  B "H2''" 1 
ATOM   405 H "H1'"  . DT  B 2 3  ? 7.961   7.261   0.459   1.00 0.00 ? 13 DT  B "H1'"  1 
ATOM   406 H H3     . DT  B 2 3  ? 3.488   7.510   -0.507  1.00 0.00 ? 13 DT  B H3     1 
ATOM   407 H H71    . DT  B 2 3  ? 4.201   4.440   -4.003  1.00 0.00 ? 13 DT  B H71    1 
ATOM   408 H H72    . DT  B 2 3  ? 4.713   5.829   -4.964  1.00 0.00 ? 13 DT  B H72    1 
ATOM   409 H H73    . DT  B 2 3  ? 5.897   4.603   -4.413  1.00 0.00 ? 13 DT  B H73    1 
ATOM   410 H H6     . DT  B 2 3  ? 7.318   5.645   -2.781  1.00 0.00 ? 13 DT  B H6     1 
ATOM   411 P P      . DC  B 2 4  ? 10.703  3.711   1.576   1.00 0.00 ? 14 DC  B P      1 
ATOM   412 O OP1    . DC  B 2 4  ? 11.907  3.729   2.441   1.00 0.00 ? 14 DC  B OP1    1 
ATOM   413 O OP2    . DC  B 2 4  ? 10.503  2.569   0.646   1.00 0.00 ? 14 DC  B OP2    1 
ATOM   414 O "O5'"  . DC  B 2 4  ? 9.441   3.814   2.555   1.00 0.00 ? 14 DC  B "O5'"  1 
ATOM   415 C "C5'"  . DC  B 2 4  ? 9.409   4.828   3.562   1.00 0.00 ? 14 DC  B "C5'"  1 
ATOM   416 C "C4'"  . DC  B 2 4  ? 8.035   5.007   4.216   1.00 0.00 ? 14 DC  B "C4'"  1 
ATOM   417 O "O4'"  . DC  B 2 4  ? 7.092   5.381   3.223   1.00 0.00 ? 14 DC  B "O4'"  1 
ATOM   418 C "C3'"  . DC  B 2 4  ? 7.518   3.778   4.985   1.00 0.00 ? 14 DC  B "C3'"  1 
ATOM   419 O "O3'"  . DC  B 2 4  ? 7.498   4.031   6.391   1.00 0.00 ? 14 DC  B "O3'"  1 
ATOM   420 C "C2'"  . DC  B 2 4  ? 6.121   3.585   4.400   1.00 0.00 ? 14 DC  B "C2'"  1 
ATOM   421 C "C1'"  . DC  B 2 4  ? 5.842   4.789   3.498   1.00 0.00 ? 14 DC  B "C1'"  1 
ATOM   422 N N1     . DC  B 2 4  ? 5.172   4.394   2.239   1.00 0.00 ? 14 DC  B N1     1 
ATOM   423 C C2     . DC  B 2 4  ? 3.828   4.683   1.965   1.00 0.00 ? 14 DC  B C2     1 
ATOM   424 O O2     . DC  B 2 4  ? 3.091   5.202   2.807   1.00 0.00 ? 14 DC  B O2     1 
ATOM   425 N N3     . DC  B 2 4  ? 3.297   4.359   0.760   1.00 0.00 ? 14 DC  B N3     1 
ATOM   426 C C4     . DC  B 2 4  ? 4.068   3.757   -0.130  1.00 0.00 ? 14 DC  B C4     1 
ATOM   427 N N4     . DC  B 2 4  ? 3.526   3.433   -1.264  1.00 0.00 ? 14 DC  B N4     1 
ATOM   428 C C5     . DC  B 2 4  ? 5.421   3.412   0.116   1.00 0.00 ? 14 DC  B C5     1 
ATOM   429 C C6     . DC  B 2 4  ? 5.922   3.730   1.330   1.00 0.00 ? 14 DC  B C6     1 
ATOM   430 H "H5'"  . DC  B 2 4  ? 9.683   5.784   3.113   1.00 0.00 ? 14 DC  B "H5'"  1 
ATOM   431 H "H5''" . DC  B 2 4  ? 10.143  4.599   4.336   1.00 0.00 ? 14 DC  B "H5''" 1 
ATOM   432 H "H4'"  . DC  B 2 4  ? 8.109   5.833   4.925   1.00 0.00 ? 14 DC  B "H4'"  1 
ATOM   433 H "H3'"  . DC  B 2 4  ? 8.135   2.905   4.737   1.00 0.00 ? 14 DC  B "H3'"  1 
ATOM   434 H "H2'"  . DC  B 2 4  ? 6.150   2.648   3.851   1.00 0.00 ? 14 DC  B "H2'"  1 
ATOM   435 H "H2''" . DC  B 2 4  ? 5.343   3.558   5.156   1.00 0.00 ? 14 DC  B "H2''" 1 
ATOM   436 H "H1'"  . DC  B 2 4  ? 5.237   5.518   4.003   1.00 0.00 ? 14 DC  B "H1'"  1 
ATOM   437 H H41    . DC  B 2 4  ? 2.561   3.699   -1.420  1.00 0.00 ? 14 DC  B H41    1 
ATOM   438 H H42    . DC  B 2 4  ? 4.065   2.893   -1.931  1.00 0.00 ? 14 DC  B H42    1 
ATOM   439 H H5     . DC  B 2 4  ? 6.041   2.914   -0.613  1.00 0.00 ? 14 DC  B H5     1 
ATOM   440 H H6     . DC  B 2 4  ? 6.928   3.516   1.647   1.00 0.00 ? 14 DC  B H6     1 
ATOM   441 P P      . DC  B 2 5  ? 7.168   2.922   7.504   1.00 0.00 ? 15 DC  B P      1 
ATOM   442 O OP1    . DC  B 2 5  ? 7.418   3.540   8.821   1.00 0.00 ? 15 DC  B OP1    1 
ATOM   443 O OP2    . DC  B 2 5  ? 7.862   1.660   7.172   1.00 0.00 ? 15 DC  B OP2    1 
ATOM   444 O "O5'"  . DC  B 2 5  ? 5.603   2.666   7.389   1.00 0.00 ? 15 DC  B "O5'"  1 
ATOM   445 C "C5'"  . DC  B 2 5  ? 4.660   3.658   7.800   1.00 0.00 ? 15 DC  B "C5'"  1 
ATOM   446 C "C4'"  . DC  B 2 5  ? 3.231   3.252   7.429   1.00 0.00 ? 15 DC  B "C4'"  1 
ATOM   447 O "O4'"  . DC  B 2 5  ? 3.000   3.353   6.027   1.00 0.00 ? 15 DC  B "O4'"  1 
ATOM   448 C "C3'"  . DC  B 2 5  ? 2.861   1.867   7.941   1.00 0.00 ? 15 DC  B "C3'"  1 
ATOM   449 O "O3'"  . DC  B 2 5  ? 1.957   1.974   9.031   1.00 0.00 ? 15 DC  B "O3'"  1 
ATOM   450 C "C2'"  . DC  B 2 5  ? 2.158   1.316   6.670   1.00 0.00 ? 15 DC  B "C2'"  1 
ATOM   451 C "C1'"  . DC  B 2 5  ? 1.933   2.485   5.711   1.00 0.00 ? 15 DC  B "C1'"  1 
ATOM   452 N N1     . DC  B 2 5  ? 2.012   2.050   4.279   1.00 0.00 ? 15 DC  B N1     1 
ATOM   453 C C2     . DC  B 2 5  ? 0.884   2.090   3.447   1.00 0.00 ? 15 DC  B C2     1 
ATOM   454 O O2     . DC  B 2 5  ? -0.208  2.482   3.864   1.00 0.00 ? 15 DC  B O2     1 
ATOM   455 N N3     . DC  B 2 5  ? 0.967   1.703   2.144   1.00 0.00 ? 15 DC  B N3     1 
ATOM   456 C C4     . DC  B 2 5  ? 2.140   1.318   1.671   1.00 0.00 ? 15 DC  B C4     1 
ATOM   457 N N4     . DC  B 2 5  ? 2.229   1.007   0.408   1.00 0.00 ? 15 DC  B N4     1 
ATOM   458 C C5     . DC  B 2 5  ? 3.318   1.282   2.455   1.00 0.00 ? 15 DC  B C5     1 
ATOM   459 C C6     . DC  B 2 5  ? 3.207   1.621   3.760   1.00 0.00 ? 15 DC  B C6     1 
ATOM   460 H "H5'"  . DC  B 2 5  ? 4.889   4.614   7.326   1.00 0.00 ? 15 DC  B "H5'"  1 
ATOM   461 H "H5''" . DC  B 2 5  ? 4.713   3.790   8.881   1.00 0.00 ? 15 DC  B "H5''" 1 
ATOM   462 H "H4'"  . DC  B 2 5  ? 2.516   3.903   7.893   1.00 0.00 ? 15 DC  B "H4'"  1 
ATOM   463 H "H3'"  . DC  B 2 5  ? 3.756   1.361   8.351   1.00 0.00 ? 15 DC  B "H3'"  1 
ATOM   464 H "H2'"  . DC  B 2 5  ? 2.722   0.561   6.127   1.00 0.00 ? 15 DC  B "H2'"  1 
ATOM   465 H "H2''" . DC  B 2 5  ? 1.193   0.927   6.938   1.00 0.00 ? 15 DC  B "H2''" 1 
ATOM   466 H "H1'"  . DC  B 2 5  ? 0.971   2.974   5.932   1.00 0.00 ? 15 DC  B "H1'"  1 
ATOM   467 H H41    . DC  B 2 5  ? 1.408   1.141   -0.172  1.00 0.00 ? 15 DC  B H41    1 
ATOM   468 H H42    . DC  B 2 5  ? 3.158   0.948   0.016   1.00 0.00 ? 15 DC  B H42    1 
ATOM   469 H H5     . DC  B 2 5  ? 4.288   1.060   2.031   1.00 0.00 ? 15 DC  B H5     1 
ATOM   470 H H6     . DC  B 2 5  ? 4.076   1.608   4.395   1.00 0.00 ? 15 DC  B H6     1 
ATOM   471 P P      . DT  B 2 6  ? 1.415   0.686   9.803   1.00 0.00 ? 16 DT  B P      1 
ATOM   472 O OP1    . DT  B 2 6  ? 1.051   1.084   11.180  1.00 0.00 ? 16 DT  B OP1    1 
ATOM   473 O OP2    . DT  B 2 6  ? 2.389   -0.417  9.619   1.00 0.00 ? 16 DT  B OP2    1 
ATOM   474 O "O5'"  . DT  B 2 6  ? 0.056   0.337   9.012   1.00 0.00 ? 16 DT  B "O5'"  1 
ATOM   475 C "C5'"  . DT  B 2 6  ? -0.935  1.353   8.850   1.00 0.00 ? 16 DT  B "C5'"  1 
ATOM   476 C "C4'"  . DT  B 2 6  ? -1.976  1.142   7.738   1.00 0.00 ? 16 DT  B "C4'"  1 
ATOM   477 O "O4'"  . DT  B 2 6  ? -1.405  0.930   6.453   1.00 0.00 ? 16 DT  B "O4'"  1 
ATOM   478 C "C3'"  . DT  B 2 6  ? -3.012  0.029   7.964   1.00 0.00 ? 16 DT  B "C3'"  1 
ATOM   479 O "O3'"  . DT  B 2 6  ? -4.376  0.468   7.860   1.00 0.00 ? 16 DT  B "O3'"  1 
ATOM   480 C "C2'"  . DT  B 2 6  ? -2.676  -0.879  6.777   1.00 0.00 ? 16 DT  B "C2'"  1 
ATOM   481 C "C1'"  . DT  B 2 6  ? -2.304  0.119   5.701   1.00 0.00 ? 16 DT  B "C1'"  1 
ATOM   482 N N1     . DT  B 2 6  ? -1.580  -0.485  4.561   1.00 0.00 ? 16 DT  B N1     1 
ATOM   483 C C2     . DT  B 2 6  ? -2.141  -0.543  3.280   1.00 0.00 ? 16 DT  B C2     1 
ATOM   484 O O2     . DT  B 2 6  ? -3.274  -0.146  3.009   1.00 0.00 ? 16 DT  B O2     1 
ATOM   485 N N3     . DT  B 2 6  ? -1.347  -1.085  2.291   1.00 0.00 ? 16 DT  B N3     1 
ATOM   486 C C4     . DT  B 2 6  ? -0.065  -1.564  2.463   1.00 0.00 ? 16 DT  B C4     1 
ATOM   487 O O4     . DT  B 2 6  ? 0.539   -1.991  1.479   1.00 0.00 ? 16 DT  B O4     1 
ATOM   488 C C5     . DT  B 2 6  ? 0.454   -1.476  3.832   1.00 0.00 ? 16 DT  B C5     1 
ATOM   489 C C7     . DT  B 2 6  ? 1.866   -1.927  4.160   1.00 0.00 ? 16 DT  B C7     1 
ATOM   490 C C6     . DT  B 2 6  ? -0.322  -0.961  4.820   1.00 0.00 ? 16 DT  B C6     1 
ATOM   491 H "H5'"  . DT  B 2 6  ? -0.438  2.296   8.619   1.00 0.00 ? 16 DT  B "H5'"  1 
ATOM   492 H "H5''" . DT  B 2 6  ? -1.458  1.498   9.797   1.00 0.00 ? 16 DT  B "H5''" 1 
ATOM   493 H "H4'"  . DT  B 2 6  ? -2.487  2.087   7.693   1.00 0.00 ? 16 DT  B "H4'"  1 
ATOM   494 H "H3'"  . DT  B 2 6  ? -2.816  -0.411  8.949   1.00 0.00 ? 16 DT  B "H3'"  1 
ATOM   495 H "H2'"  . DT  B 2 6  ? -1.793  -1.489  7.014   1.00 0.00 ? 16 DT  B "H2'"  1 
ATOM   496 H "H2''" . DT  B 2 6  ? -3.527  -1.443  6.420   1.00 0.00 ? 16 DT  B "H2''" 1 
ATOM   497 H "H1'"  . DT  B 2 6  ? -3.109  0.817   5.474   1.00 0.00 ? 16 DT  B "H1'"  1 
ATOM   498 H H3     . DT  B 2 6  ? -1.735  -1.162  1.361   1.00 0.00 ? 16 DT  B H3     1 
ATOM   499 H H71    . DT  B 2 6  ? 1.985   -2.973  3.882   1.00 0.00 ? 16 DT  B H71    1 
ATOM   500 H H72    . DT  B 2 6  ? 2.082   -1.813  5.222   1.00 0.00 ? 16 DT  B H72    1 
ATOM   501 H H73    . DT  B 2 6  ? 2.579   -1.346  3.577   1.00 0.00 ? 16 DT  B H73    1 
ATOM   502 H H6     . DT  B 2 6  ? 0.014   -0.826  5.846   1.00 0.00 ? 16 DT  B H6     1 
ATOM   503 P P      . DG  B 2 7  ? -5.623  -0.534  8.135   1.00 0.00 ? 17 DG  B P      1 
ATOM   504 O OP1    . DG  B 2 7  ? -6.667  0.242   8.841   1.00 0.00 ? 17 DG  B OP1    1 
ATOM   505 O OP2    . DG  B 2 7  ? -5.093  -1.734  8.819   1.00 0.00 ? 17 DG  B OP2    1 
ATOM   506 O "O5'"  . DG  B 2 7  ? -6.236  -1.035  6.723   1.00 0.00 ? 17 DG  B "O5'"  1 
ATOM   507 C "C5'"  . DG  B 2 7  ? -7.185  -0.261  5.977   1.00 0.00 ? 17 DG  B "C5'"  1 
ATOM   508 C "C4'"  . DG  B 2 7  ? -7.919  -1.034  4.850   1.00 0.00 ? 17 DG  B "C4'"  1 
ATOM   509 O "O4'"  . DG  B 2 7  ? -7.034  -1.318  3.776   1.00 0.00 ? 17 DG  B "O4'"  1 
ATOM   510 C "C3'"  . DG  B 2 7  ? -8.601  -2.338  5.306   1.00 0.00 ? 17 DG  B "C3'"  1 
ATOM   511 O "O3'"  . DG  B 2 7  ? -9.886  -2.477  4.698   1.00 0.00 ? 17 DG  B "O3'"  1 
ATOM   512 C "C2'"  . DG  B 2 7  ? -7.629  -3.370  4.747   1.00 0.00 ? 17 DG  B "C2'"  1 
ATOM   513 C "C1'"  . DG  B 2 7  ? -7.098  -2.699  3.471   1.00 0.00 ? 17 DG  B "C1'"  1 
ATOM   514 N N9     . DG  B 2 7  ? -5.730  -3.163  3.165   1.00 0.00 ? 17 DG  B N9     1 
ATOM   515 C C8     . DG  B 2 7  ? -4.698  -3.160  4.053   1.00 0.00 ? 17 DG  B C8     1 
ATOM   516 N N7     . DG  B 2 7  ? -3.535  -3.476  3.565   1.00 0.00 ? 17 DG  B N7     1 
ATOM   517 C C5     . DG  B 2 7  ? -3.840  -3.758  2.230   1.00 0.00 ? 17 DG  B C5     1 
ATOM   518 C C6     . DG  B 2 7  ? -2.988  -4.188  1.163   1.00 0.00 ? 17 DG  B C6     1 
ATOM   519 O O6     . DG  B 2 7  ? -1.778  -4.397  1.186   1.00 0.00 ? 17 DG  B O6     1 
ATOM   520 N N1     . DG  B 2 7  ? -3.657  -4.410  -0.017  1.00 0.00 ? 17 DG  B N1     1 
ATOM   521 C C2     . DG  B 2 7  ? -4.989  -4.241  -0.170  1.00 0.00 ? 17 DG  B C2     1 
ATOM   522 N N2     . DG  B 2 7  ? -5.452  -4.456  -1.369  1.00 0.00 ? 17 DG  B N2     1 
ATOM   523 N N3     . DG  B 2 7  ? -5.838  -3.864  0.790   1.00 0.00 ? 17 DG  B N3     1 
ATOM   524 C C4     . DG  B 2 7  ? -5.193  -3.617  1.977   1.00 0.00 ? 17 DG  B C4     1 
ATOM   525 H "H5'"  . DG  B 2 7  ? -6.682  0.605   5.546   1.00 0.00 ? 17 DG  B "H5'"  1 
ATOM   526 H "H5''" . DG  B 2 7  ? -7.948  0.113   6.658   1.00 0.00 ? 17 DG  B "H5''" 1 
ATOM   527 H "H4'"  . DG  B 2 7  ? -8.697  -0.406  4.428   1.00 0.00 ? 17 DG  B "H4'"  1 
ATOM   528 H "H3'"  . DG  B 2 7  ? -8.673  -2.382  6.405   1.00 0.00 ? 17 DG  B "H3'"  1 
ATOM   529 H "H2'"  . DG  B 2 7  ? -6.850  -3.534  5.487   1.00 0.00 ? 17 DG  B "H2'"  1 
ATOM   530 H "H2''" . DG  B 2 7  ? -8.100  -4.319  4.510   1.00 0.00 ? 17 DG  B "H2''" 1 
ATOM   531 H "H1'"  . DG  B 2 7  ? -7.784  -2.904  2.646   1.00 0.00 ? 17 DG  B "H1'"  1 
ATOM   532 H H8     . DG  B 2 7  ? -4.881  -2.863  5.065   1.00 0.00 ? 17 DG  B H8     1 
ATOM   533 H H1     . DG  B 2 7  ? -3.107  -4.687  -0.817  1.00 0.00 ? 17 DG  B H1     1 
ATOM   534 H H21    . DG  B 2 7  ? -4.821  -4.732  -2.119  1.00 0.00 ? 17 DG  B H21    1 
ATOM   535 H H22    . DG  B 2 7  ? -6.425  -4.273  -1.534  1.00 0.00 ? 17 DG  B H22    1 
ATOM   536 P P      . DG  B 2 8  ? -10.927 -3.620  5.141   1.00 0.00 ? 18 DG  B P      1 
ATOM   537 O OP1    . DG  B 2 8  ? -12.254 -3.230  4.614   1.00 0.00 ? 18 DG  B OP1    1 
ATOM   538 O OP2    . DG  B 2 8  ? -10.784 -3.855  6.591   1.00 0.00 ? 18 DG  B OP2    1 
ATOM   539 O "O5'"  . DG  B 2 8  ? -10.456 -4.954  4.367   1.00 0.00 ? 18 DG  B "O5'"  1 
ATOM   540 C "C5'"  . DG  B 2 8  ? -10.594 -5.047  2.953   1.00 0.00 ? 18 DG  B "C5'"  1 
ATOM   541 C "C4'"  . DG  B 2 8  ? -9.847  -6.190  2.247   1.00 0.00 ? 18 DG  B "C4'"  1 
ATOM   542 O "O4'"  . DG  B 2 8  ? -8.442  -5.960  2.180   1.00 0.00 ? 18 DG  B "O4'"  1 
ATOM   543 C "C3'"  . DG  B 2 8  ? -10.061 -7.613  2.786   1.00 0.00 ? 18 DG  B "C3'"  1 
ATOM   544 O "O3'"  . DG  B 2 8  ? -10.384 -8.489  1.710   1.00 0.00 ? 18 DG  B "O3'"  1 
ATOM   545 C "C2'"  . DG  B 2 8  ? -8.664  -7.934  3.306   1.00 0.00 ? 18 DG  B "C2'"  1 
ATOM   546 C "C1'"  . DG  B 2 8  ? -7.792  -7.221  2.266   1.00 0.00 ? 18 DG  B "C1'"  1 
ATOM   547 N N9     . DG  B 2 8  ? -6.388  -7.030  2.671   1.00 0.00 ? 18 DG  B N9     1 
ATOM   548 C C8     . DG  B 2 8  ? -5.946  -6.624  3.899   1.00 0.00 ? 18 DG  B C8     1 
ATOM   549 N N7     . DG  B 2 8  ? -4.649  -6.648  4.039   1.00 0.00 ? 18 DG  B N7     1 
ATOM   550 C C5     . DG  B 2 8  ? -4.199  -7.071  2.781   1.00 0.00 ? 18 DG  B C5     1 
ATOM   551 C C6     . DG  B 2 8  ? -2.868  -7.291  2.295   1.00 0.00 ? 18 DG  B C6     1 
ATOM   552 O O6     . DG  B 2 8  ? -1.815  -7.219  2.927   1.00 0.00 ? 18 DG  B O6     1 
ATOM   553 N N1     . DG  B 2 8  ? -2.813  -7.616  0.956   1.00 0.00 ? 18 DG  B N1     1 
ATOM   554 C C2     . DG  B 2 8  ? -3.906  -7.733  0.165   1.00 0.00 ? 18 DG  B C2     1 
ATOM   555 N N2     . DG  B 2 8  ? -3.680  -8.002  -1.093  1.00 0.00 ? 18 DG  B N2     1 
ATOM   556 N N3     . DG  B 2 8  ? -5.171  -7.578  0.576   1.00 0.00 ? 18 DG  B N3     1 
ATOM   557 C C4     . DG  B 2 8  ? -5.254  -7.247  1.910   1.00 0.00 ? 18 DG  B C4     1 
ATOM   558 H "H5'"  . DG  B 2 8  ? -10.231 -4.125  2.507   1.00 0.00 ? 18 DG  B "H5'"  1 
ATOM   559 H "H5''" . DG  B 2 8  ? -11.655 -5.131  2.712   1.00 0.00 ? 18 DG  B "H5''" 1 
ATOM   560 H "H4'"  . DG  B 2 8  ? -10.231 -6.170  1.234   1.00 0.00 ? 18 DG  B "H4'"  1 
ATOM   561 H "H3'"  . DG  B 2 8  ? -10.811 -7.636  3.578   1.00 0.00 ? 18 DG  B "H3'"  1 
ATOM   562 H "H2'"  . DG  B 2 8  ? -8.538  -7.488  4.293   1.00 0.00 ? 18 DG  B "H2'"  1 
ATOM   563 H "H2''" . DG  B 2 8  ? -8.475  -8.999  3.365   1.00 0.00 ? 18 DG  B "H2''" 1 
ATOM   564 H "H1'"  . DG  B 2 8  ? -7.800  -7.725  1.293   1.00 0.00 ? 18 DG  B "H1'"  1 
ATOM   565 H H8     . DG  B 2 8  ? -6.648  -6.278  4.647   1.00 0.00 ? 18 DG  B H8     1 
ATOM   566 H H1     . DG  B 2 8  ? -1.904  -7.810  0.560   1.00 0.00 ? 18 DG  B H1     1 
ATOM   567 H H21    . DG  B 2 8  ? -2.729  -8.170  -1.415  1.00 0.00 ? 18 DG  B H21    1 
ATOM   568 H H22    . DG  B 2 8  ? -4.449  -8.054  -1.738  1.00 0.00 ? 18 DG  B H22    1 
ATOM   569 P P      . DA  B 2 9  ? -11.206 -9.845  1.921   1.00 0.00 ? 19 DA  B P      1 
ATOM   570 O OP1    . DA  B 2 9  ? -12.597 -9.553  1.506   1.00 0.00 ? 19 DA  B OP1    1 
ATOM   571 O OP2    . DA  B 2 9  ? -10.964 -10.374 3.284   1.00 0.00 ? 19 DA  B OP2    1 
ATOM   572 O "O5'"  . DA  B 2 9  ? -10.548 -10.864 0.864   1.00 0.00 ? 19 DA  B "O5'"  1 
ATOM   573 C "C5'"  . DA  B 2 9  ? -10.780 -10.725 -0.542  1.00 0.00 ? 19 DA  B "C5'"  1 
ATOM   574 C "C4'"  . DA  B 2 9  ? -9.628  -11.240 -1.425  1.00 0.00 ? 19 DA  B "C4'"  1 
ATOM   575 O "O4'"  . DA  B 2 9  ? -8.439  -10.554 -1.067  1.00 0.00 ? 19 DA  B "O4'"  1 
ATOM   576 C "C3'"  . DA  B 2 9  ? -9.419  -12.756 -1.314  1.00 0.00 ? 19 DA  B "C3'"  1 
ATOM   577 O "O3'"  . DA  B 2 9  ? -9.428  -13.394 -2.590  1.00 0.00 ? 19 DA  B "O3'"  1 
ATOM   578 C "C2'"  . DA  B 2 9  ? -8.057  -12.858 -0.645  1.00 0.00 ? 19 DA  B "C2'"  1 
ATOM   579 C "C1'"  . DA  B 2 9  ? -7.412  -11.491 -0.825  1.00 0.00 ? 19 DA  B "C1'"  1 
ATOM   580 N N9     . DA  B 2 9  ? -6.681  -11.106 0.396   1.00 0.00 ? 19 DA  B N9     1 
ATOM   581 C C8     . DA  B 2 9  ? -7.178  -10.903 1.657   1.00 0.00 ? 19 DA  B C8     1 
ATOM   582 N N7     . DA  B 2 9  ? -6.273  -10.635 2.566   1.00 0.00 ? 19 DA  B N7     1 
ATOM   583 C C5     . DA  B 2 9  ? -5.076  -10.729 1.828   1.00 0.00 ? 19 DA  B C5     1 
ATOM   584 C C6     . DA  B 2 9  ? -3.698  -10.631 2.128   1.00 0.00 ? 19 DA  B C6     1 
ATOM   585 N N6     . DA  B 2 9  ? -3.192  -10.308 3.300   1.00 0.00 ? 19 DA  B N6     1 
ATOM   586 N N1     . DA  B 2 9  ? -2.773  -10.853 1.195   1.00 0.00 ? 19 DA  B N1     1 
ATOM   587 C C2     . DA  B 2 9  ? -3.171  -11.158 -0.033  1.00 0.00 ? 19 DA  B C2     1 
ATOM   588 N N3     . DA  B 2 9  ? -4.419  -11.259 -0.481  1.00 0.00 ? 19 DA  B N3     1 
ATOM   589 C C4     . DA  B 2 9  ? -5.321  -11.033 0.516   1.00 0.00 ? 19 DA  B C4     1 
ATOM   590 H "H5'"  . DA  B 2 9  ? -10.931 -9.676  -0.787  1.00 0.00 ? 19 DA  B "H5'"  1 
ATOM   591 H "H5''" . DA  B 2 9  ? -11.694 -11.260 -0.804  1.00 0.00 ? 19 DA  B "H5''" 1 
ATOM   592 H "H4'"  . DA  B 2 9  ? -9.844  -11.006 -2.466  1.00 0.00 ? 19 DA  B "H4'"  1 
ATOM   593 H "H3'"  . DA  B 2 9  ? -10.174 -13.139 -0.626  1.00 0.00 ? 19 DA  B "H3'"  1 
ATOM   594 H "H2'"  . DA  B 2 9  ? -8.200  -13.092 0.408   1.00 0.00 ? 19 DA  B "H2'"  1 
ATOM   595 H "H2''" . DA  B 2 9  ? -7.426  -13.609 -1.108  1.00 0.00 ? 19 DA  B "H2''" 1 
ATOM   596 H "H1'"  . DA  B 2 9  ? -6.728  -11.525 -1.678  1.00 0.00 ? 19 DA  B "H1'"  1 
ATOM   597 H H8     . DA  B 2 9  ? -8.233  -11.034 1.861   1.00 0.00 ? 19 DA  B H8     1 
ATOM   598 H H61    . DA  B 2 9  ? -2.186  -10.235 3.387   1.00 0.00 ? 19 DA  B H61    1 
ATOM   599 H H62    . DA  B 2 9  ? -3.789  -10.058 4.073   1.00 0.00 ? 19 DA  B H62    1 
ATOM   600 H H2     . DA  B 2 9  ? -2.394  -11.375 -0.751  1.00 0.00 ? 19 DA  B H2     1 
ATOM   601 P P      . DC  B 2 10 ? -9.532  -14.985 -2.740  1.00 0.00 ? 20 DC  B P      1 
ATOM   602 O OP1    . DC  B 2 10 ? -9.800  -15.254 -4.174  1.00 0.00 ? 20 DC  B OP1    1 
ATOM   603 O OP2    . DC  B 2 10 ? -10.492 -15.464 -1.721  1.00 0.00 ? 20 DC  B OP2    1 
ATOM   604 O "O5'"  . DC  B 2 10 ? -8.105  -15.605 -2.344  1.00 0.00 ? 20 DC  B "O5'"  1 
ATOM   605 C "C5'"  . DC  B 2 10 ? -7.002  -15.605 -3.243  1.00 0.00 ? 20 DC  B "C5'"  1 
ATOM   606 C "C4'"  . DC  B 2 10 ? -5.652  -15.981 -2.605  1.00 0.00 ? 20 DC  B "C4'"  1 
ATOM   607 O "O4'"  . DC  B 2 10 ? -5.187  -14.931 -1.758  1.00 0.00 ? 20 DC  B "O4'"  1 
ATOM   608 C "C3'"  . DC  B 2 10 ? -5.641  -17.299 -1.800  1.00 0.00 ? 20 DC  B "C3'"  1 
ATOM   609 O "O3'"  . DC  B 2 10 ? -4.750  -18.265 -2.351  1.00 0.00 ? 20 DC  B "O3'"  1 
ATOM   610 C "C2'"  . DC  B 2 10 ? -5.031  -16.863 -0.461  1.00 0.00 ? 20 DC  B "C2'"  1 
ATOM   611 C "C1'"  . DC  B 2 10 ? -4.369  -15.503 -0.754  1.00 0.00 ? 20 DC  B "C1'"  1 
ATOM   612 N N1     . DC  B 2 10 ? -4.386  -14.697 0.486   1.00 0.00 ? 20 DC  B N1     1 
ATOM   613 C C2     . DC  B 2 10 ? -3.184  -14.422 1.150   1.00 0.00 ? 20 DC  B C2     1 
ATOM   614 O O2     . DC  B 2 10 ? -2.092  -14.561 0.596   1.00 0.00 ? 20 DC  B O2     1 
ATOM   615 N N3     . DC  B 2 10 ? -3.196  -14.033 2.447   1.00 0.00 ? 20 DC  B N3     1 
ATOM   616 C C4     . DC  B 2 10 ? -4.352  -13.952 3.074   1.00 0.00 ? 20 DC  B C4     1 
ATOM   617 N N4     . DC  B 2 10 ? -4.277  -13.600 4.323   1.00 0.00 ? 20 DC  B N4     1 
ATOM   618 C C5     . DC  B 2 10 ? -5.601  -14.221 2.446   1.00 0.00 ? 20 DC  B C5     1 
ATOM   619 C C6     . DC  B 2 10 ? -5.579  -14.554 1.138   1.00 0.00 ? 20 DC  B C6     1 
ATOM   620 H "H5'"  . DC  B 2 10 ? -6.898  -14.610 -3.678  1.00 0.00 ? 20 DC  B "H5'"  1 
ATOM   621 H "H5''" . DC  B 2 10 ? -7.209  -16.316 -4.043  1.00 0.00 ? 20 DC  B "H5''" 1 
ATOM   622 H "H4'"  . DC  B 2 10 ? -4.930  -16.088 -3.417  1.00 0.00 ? 20 DC  B "H4'"  1 
ATOM   623 H "H3'"  . DC  B 2 10 ? -6.654  -17.742 -1.710  1.00 0.00 ? 20 DC  B "H3'"  1 
ATOM   624 H "HO3'" . DC  B 2 10 ? -4.647  -18.981 -1.691  1.00 0.00 ? 20 DC  B "HO3'" 1 
ATOM   625 H "H2'"  . DC  B 2 10 ? -5.811  -16.802 0.299   1.00 0.00 ? 20 DC  B "H2'"  1 
ATOM   626 H "H2''" . DC  B 2 10 ? -4.293  -17.540 -0.048  1.00 0.00 ? 20 DC  B "H2''" 1 
ATOM   627 H "H1'"  . DC  B 2 10 ? -3.328  -15.610 -1.112  1.00 0.00 ? 20 DC  B "H1'"  1 
ATOM   628 H H41    . DC  B 2 10 ? -3.357  -13.368 4.669   1.00 0.00 ? 20 DC  B H41    1 
ATOM   629 H H42    . DC  B 2 10 ? -5.096  -13.595 4.913   1.00 0.00 ? 20 DC  B H42    1 
ATOM   630 H H5     . DC  B 2 10 ? -6.554  -14.189 2.931   1.00 0.00 ? 20 DC  B H5     1 
ATOM   631 H H6     . DC  B 2 10 ? -6.486  -14.767 0.573   1.00 0.00 ? 20 DC  B H6     1 
# 
